data_8TZN
#
_entry.id   8TZN
#
_cell.length_a   111.825
_cell.length_b   111.825
_cell.length_c   199.609
_cell.angle_alpha   90.000
_cell.angle_beta   90.000
_cell.angle_gamma   120.000
#
_symmetry.space_group_name_H-M   'P 32 2 1'
#
loop_
_entity.id
_entity.type
_entity.pdbx_description
1 polymer '10E8-GT10.2 MPER scaffold'
2 polymer 'W3-01 Fab Heavy Chain'
3 polymer 'W3-01 Fab Light Chain'
#
loop_
_entity_poly.entity_id
_entity_poly.type
_entity_poly.pdbx_seq_one_letter_code
_entity_poly.pdbx_strand_id
1 'polypeptide(L)'
;MGILPSPGMPALLSLVSLLSVLLMGCVAETGEVTQEDIIRALASPLIKDGMVDEDFAEYVIAREDRSPTGLQAKGVGVAI
PHTLGDYVRDNAISVGILDKPVNFEGWYQSPDPVPVRVVFMLAGRTWDDIVIVLKWLKDVILDEEFMKRLLTMSDEEIYR
QIYTRISKAPQLSGINFKREYVRHLGTKHHHHHH
;
C,A
2 'polypeptide(L)'
;NSQVQLQESGPGLVKPSETLSLTCAVSGGSFSSDWWGWIRQPPGKGLEWIGTIYGSGGSNYLNPSLKSRVTLSVDTSKNQ
FSLRLSSVTAADTAVYYCARGSGRYNIWTGYYTPFDAFDFWGRGLRVTVSSASTKGPSVFPLAPSSKSTSGGTAALGCLV
KDYFPEPVTVSWNSGALTSGVHTFPAVLQSSGLYSLSSVVTVPSSSLGTQTYICNVNHKPSNTKVDKRVEPK
;
G,B
3 'polypeptide(L)'
;SYELTQPPSMSVSPGQTARITCGGDNLGSKYVHWYQQKPAQAPVLVIYYDSDRPSGIPERFSGSKSGNTATLTISGVEAG
DEADYYCQVWDSSSDHYIFGAGTRLTVLGQPKAAPSVTLFPPSSEELQANKATLVCLISDFYPGAVTVAWKADSSPVKAG
VETTTPSKQSNNKYAASSYLSLTPEQWKSHRSYSCQVTHEGSTVEKTVAPTECS
;
H,D
#
# COMPACT_ATOMS: atom_id res chain seq x y z
N VAL A 33 22.82 9.40 4.27
CA VAL A 33 21.87 9.68 5.35
C VAL A 33 20.49 10.20 4.87
N THR A 34 19.46 9.42 5.17
CA THR A 34 18.14 9.63 4.64
C THR A 34 17.21 10.17 5.74
N GLN A 35 16.04 10.64 5.32
CA GLN A 35 15.02 11.05 6.28
C GLN A 35 14.76 9.97 7.31
N GLU A 36 14.68 8.71 6.88
CA GLU A 36 14.32 7.64 7.80
C GLU A 36 15.27 7.61 8.98
N ASP A 37 16.56 7.86 8.72
CA ASP A 37 17.56 7.77 9.76
C ASP A 37 17.34 8.82 10.84
N ILE A 38 16.93 10.02 10.44
CA ILE A 38 16.71 11.10 11.39
C ILE A 38 15.41 10.86 12.15
N ILE A 39 14.39 10.36 11.47
CA ILE A 39 13.15 10.03 12.14
C ILE A 39 13.40 8.91 13.13
N ARG A 40 13.99 7.81 12.68
CA ARG A 40 14.27 6.66 13.53
C ARG A 40 15.21 6.98 14.68
N ALA A 41 15.94 8.08 14.60
CA ALA A 41 16.83 8.54 15.66
C ALA A 41 16.15 9.42 16.69
N LEU A 42 15.32 10.37 16.25
CA LEU A 42 14.55 11.22 17.15
C LEU A 42 13.44 10.49 17.85
N ALA A 43 13.03 9.34 17.33
CA ALA A 43 12.03 8.55 17.99
C ALA A 43 12.63 7.63 19.03
N SER A 44 13.94 7.39 18.99
CA SER A 44 14.54 6.52 20.02
C SER A 44 14.33 7.06 21.44
N PRO A 45 14.68 8.30 21.78
CA PRO A 45 14.40 8.77 23.14
C PRO A 45 12.95 8.59 23.55
N LEU A 46 11.98 8.74 22.61
CA LEU A 46 10.58 8.49 22.96
C LEU A 46 10.29 7.01 23.20
N ILE A 47 10.80 6.11 22.36
CA ILE A 47 10.46 4.72 22.66
C ILE A 47 11.18 4.23 23.93
N LYS A 48 12.19 4.95 24.42
CA LYS A 48 12.85 4.57 25.67
C LYS A 48 12.01 4.92 26.88
N ASP A 49 11.62 6.21 27.01
CA ASP A 49 10.76 6.65 28.11
C ASP A 49 9.38 6.02 28.03
N GLY A 50 9.10 5.27 26.97
CA GLY A 50 7.82 4.61 26.89
C GLY A 50 6.70 5.59 26.70
N MET A 51 6.89 6.56 25.82
CA MET A 51 5.85 7.48 25.40
C MET A 51 5.27 7.14 24.05
N VAL A 52 5.82 6.12 23.38
CA VAL A 52 5.38 5.64 22.08
C VAL A 52 5.80 4.17 21.99
N ASP A 53 5.15 3.40 21.13
CA ASP A 53 5.45 1.99 20.94
C ASP A 53 6.75 1.83 20.13
N GLU A 54 7.24 0.59 20.05
CA GLU A 54 8.53 0.36 19.39
C GLU A 54 8.45 0.42 17.86
N ASP A 55 7.25 0.51 17.27
CA ASP A 55 7.12 0.68 15.82
C ASP A 55 6.77 2.12 15.42
N PHE A 56 6.83 3.08 16.36
CA PHE A 56 6.48 4.47 16.09
C PHE A 56 7.25 5.04 14.90
N ALA A 57 8.57 4.75 14.83
CA ALA A 57 9.36 5.14 13.67
C ALA A 57 8.70 4.71 12.37
N GLU A 58 8.19 3.48 12.34
CA GLU A 58 7.63 3.00 11.07
C GLU A 58 6.45 3.85 10.64
N TYR A 59 5.76 4.40 11.60
CA TYR A 59 4.53 5.14 11.37
C TYR A 59 4.76 6.60 11.02
N VAL A 60 5.72 7.27 11.67
CA VAL A 60 6.05 8.62 11.21
C VAL A 60 6.58 8.56 9.80
N ILE A 61 7.61 7.74 9.59
CA ILE A 61 8.08 7.42 8.25
C ILE A 61 6.91 7.23 7.30
N ALA A 62 6.01 6.30 7.62
CA ALA A 62 4.89 6.04 6.70
C ALA A 62 4.00 7.26 6.53
N ARG A 63 3.92 8.14 7.54
CA ARG A 63 3.11 9.35 7.39
C ARG A 63 3.89 10.44 6.65
N GLU A 64 5.19 10.57 6.94
CA GLU A 64 6.03 11.48 6.16
C GLU A 64 5.98 11.16 4.67
N ASP A 65 6.01 9.88 4.28
CA ASP A 65 5.91 9.57 2.85
C ASP A 65 4.54 9.94 2.25
N ARG A 66 3.49 10.14 3.05
CA ARG A 66 2.19 10.52 2.52
C ARG A 66 1.89 12.01 2.65
N SER A 67 2.31 12.64 3.74
CA SER A 67 2.16 14.08 3.93
C SER A 67 3.47 14.63 4.45
N PRO A 68 4.38 14.98 3.56
CA PRO A 68 5.68 15.48 3.99
C PRO A 68 5.54 16.82 4.69
N THR A 69 6.41 17.04 5.64
CA THR A 69 6.34 18.21 6.49
C THR A 69 7.61 19.08 6.40
N GLY A 70 8.32 19.10 5.27
CA GLY A 70 9.55 19.89 5.20
C GLY A 70 9.27 21.34 4.80
N LEU A 71 9.86 22.30 5.54
CA LEU A 71 9.61 23.73 5.36
C LEU A 71 10.89 24.58 5.21
N GLN A 72 10.78 25.64 4.39
CA GLN A 72 11.86 26.60 4.20
C GLN A 72 11.80 27.66 5.28
N ALA A 73 12.97 28.01 5.79
CA ALA A 73 13.06 29.00 6.86
C ALA A 73 14.28 29.86 6.57
N LYS A 74 14.66 30.68 7.53
CA LYS A 74 15.70 31.69 7.34
C LYS A 74 16.94 31.15 6.68
N GLY A 75 17.68 30.26 7.31
CA GLY A 75 18.87 29.77 6.65
C GLY A 75 18.84 28.27 6.62
N VAL A 76 17.81 27.72 7.24
CA VAL A 76 17.74 26.30 7.52
C VAL A 76 16.38 25.80 7.07
N GLY A 77 16.32 24.51 6.81
CA GLY A 77 15.06 23.84 6.58
C GLY A 77 14.56 23.31 7.91
N VAL A 78 13.25 23.33 8.09
CA VAL A 78 12.65 22.74 9.28
C VAL A 78 11.74 21.60 8.83
N ALA A 79 11.58 20.61 9.69
CA ALA A 79 10.64 19.55 9.41
C ALA A 79 9.91 19.25 10.70
N ILE A 80 8.72 18.64 10.56
CA ILE A 80 7.91 18.38 11.73
C ILE A 80 7.27 17.01 11.59
N PRO A 81 8.03 15.92 11.63
CA PRO A 81 7.41 14.59 11.56
C PRO A 81 6.47 14.38 12.74
N HIS A 82 5.44 13.58 12.50
CA HIS A 82 4.48 13.32 13.56
C HIS A 82 3.62 12.14 13.16
N THR A 83 2.98 11.52 14.16
CA THR A 83 2.36 10.27 13.79
C THR A 83 0.89 10.17 14.13
N LEU A 84 0.42 10.69 15.29
CA LEU A 84 -1.01 10.65 15.63
C LEU A 84 -1.58 9.23 15.51
N GLY A 85 -1.67 8.49 16.63
CA GLY A 85 -2.40 7.27 16.57
C GLY A 85 -2.88 6.76 17.89
N ASP A 86 -3.48 5.55 17.91
CA ASP A 86 -3.75 4.87 19.18
C ASP A 86 -2.50 4.24 19.76
N TYR A 87 -1.36 4.31 19.05
CA TYR A 87 -0.16 3.75 19.64
C TYR A 87 0.66 4.77 20.39
N VAL A 88 0.24 6.04 20.40
CA VAL A 88 0.91 7.05 21.22
C VAL A 88 0.44 6.90 22.65
N ARG A 89 1.38 6.83 23.58
CA ARG A 89 1.06 6.71 24.99
C ARG A 89 0.98 8.05 25.72
N ASP A 90 1.76 9.05 25.29
CA ASP A 90 1.59 10.40 25.81
C ASP A 90 2.12 11.37 24.75
N ASN A 91 1.67 12.62 24.81
CA ASN A 91 2.13 13.60 23.84
C ASN A 91 3.52 14.06 24.18
N ALA A 92 4.37 14.17 23.17
CA ALA A 92 5.76 14.55 23.40
C ALA A 92 6.32 15.20 22.16
N ILE A 93 7.35 16.02 22.38
CA ILE A 93 8.10 16.67 21.31
C ILE A 93 9.55 16.24 21.45
N SER A 94 10.15 15.81 20.35
CA SER A 94 11.56 15.42 20.31
C SER A 94 12.22 16.32 19.28
N VAL A 95 13.14 17.18 19.73
CA VAL A 95 13.79 18.19 18.90
C VAL A 95 15.16 17.68 18.50
N GLY A 96 15.45 17.72 17.21
CA GLY A 96 16.75 17.28 16.77
C GLY A 96 17.37 18.37 15.95
N ILE A 97 18.64 18.67 16.20
CA ILE A 97 19.40 19.63 15.39
C ILE A 97 20.44 18.86 14.61
N LEU A 98 20.34 18.90 13.28
CA LEU A 98 21.28 18.20 12.43
C LEU A 98 22.42 19.12 12.03
N ASP A 99 23.51 18.49 11.56
CA ASP A 99 24.77 19.16 11.29
C ASP A 99 24.97 19.40 9.80
N LYS A 100 24.67 18.45 9.00
CA LYS A 100 24.67 18.78 7.60
C LYS A 100 23.24 18.62 7.08
N PRO A 101 22.71 19.64 6.40
CA PRO A 101 21.30 19.63 6.00
C PRO A 101 20.88 18.32 5.35
N VAL A 102 19.75 17.76 5.81
CA VAL A 102 19.14 16.54 5.26
C VAL A 102 17.94 16.95 4.45
N ASN A 103 17.67 16.24 3.35
CA ASN A 103 16.53 16.62 2.50
C ASN A 103 15.27 15.95 3.00
N PHE A 104 14.35 16.77 3.47
CA PHE A 104 12.98 16.37 3.67
C PHE A 104 12.16 16.94 2.52
N GLU A 105 11.23 16.15 1.99
CA GLU A 105 10.39 16.68 0.95
C GLU A 105 9.47 17.75 1.51
N GLY A 106 8.84 18.49 0.61
CA GLY A 106 8.28 19.76 0.97
C GLY A 106 6.85 19.65 1.44
N TRP A 107 6.59 20.25 2.60
CA TRP A 107 5.23 20.34 3.12
C TRP A 107 4.26 20.81 2.05
N TYR A 108 4.54 21.94 1.44
CA TYR A 108 3.79 22.43 0.29
C TYR A 108 4.38 21.91 -1.00
N GLN A 109 3.49 21.55 -1.94
CA GLN A 109 3.95 20.91 -3.17
C GLN A 109 4.88 21.82 -3.97
N SER A 110 6.15 21.43 -4.03
CA SER A 110 7.20 22.10 -4.78
C SER A 110 8.06 21.03 -5.41
N PRO A 111 8.78 21.36 -6.49
CA PRO A 111 9.63 20.36 -7.16
C PRO A 111 10.94 20.06 -6.43
N ASP A 112 11.21 20.73 -5.32
CA ASP A 112 12.52 20.67 -4.70
C ASP A 112 12.40 20.23 -3.24
N PRO A 113 13.25 19.30 -2.81
CA PRO A 113 13.31 18.98 -1.38
C PRO A 113 13.79 20.17 -0.58
N VAL A 114 13.43 20.21 0.70
CA VAL A 114 13.89 21.26 1.61
C VAL A 114 15.08 20.72 2.39
N PRO A 115 16.28 21.34 2.26
CA PRO A 115 17.44 20.91 3.06
C PRO A 115 17.27 21.27 4.51
N VAL A 116 16.89 20.27 5.26
CA VAL A 116 16.44 20.47 6.62
C VAL A 116 17.64 20.27 7.53
N ARG A 117 17.79 21.18 8.48
CA ARG A 117 18.75 20.99 9.55
C ARG A 117 18.12 21.01 10.94
N VAL A 118 16.84 21.42 11.08
CA VAL A 118 16.15 21.44 12.37
C VAL A 118 14.90 20.57 12.29
N VAL A 119 14.80 19.58 13.18
CA VAL A 119 13.68 18.62 13.18
C VAL A 119 12.98 18.58 14.54
N PHE A 120 11.64 18.70 14.51
CA PHE A 120 10.76 18.66 15.67
C PHE A 120 9.85 17.43 15.49
N MET A 121 10.24 16.27 16.00
CA MET A 121 9.34 15.13 15.96
C MET A 121 8.21 15.34 16.96
N LEU A 122 6.98 15.14 16.50
CA LEU A 122 5.79 15.20 17.34
C LEU A 122 5.17 13.82 17.48
N ALA A 123 4.73 13.49 18.70
CA ALA A 123 3.89 12.32 18.93
C ALA A 123 2.67 12.77 19.72
N GLY A 124 1.48 12.35 19.29
CA GLY A 124 0.25 12.87 19.87
C GLY A 124 -0.88 11.88 19.76
N ARG A 125 -1.86 12.01 20.67
CA ARG A 125 -2.94 11.03 20.73
C ARG A 125 -4.01 11.30 19.67
N THR A 126 -4.45 12.54 19.56
CA THR A 126 -5.49 12.93 18.61
C THR A 126 -4.99 14.04 17.71
N TRP A 127 -5.75 14.29 16.65
CA TRP A 127 -5.42 15.37 15.73
C TRP A 127 -5.55 16.74 16.38
N ASP A 128 -6.47 16.93 17.35
CA ASP A 128 -6.47 18.21 18.06
C ASP A 128 -5.18 18.37 18.86
N ASP A 129 -4.69 17.28 19.45
CA ASP A 129 -3.41 17.32 20.12
C ASP A 129 -2.31 17.80 19.18
N ILE A 130 -2.28 17.31 17.95
CA ILE A 130 -1.13 17.70 17.17
C ILE A 130 -1.34 19.09 16.64
N VAL A 131 -2.60 19.45 16.40
CA VAL A 131 -2.81 20.72 15.74
C VAL A 131 -2.52 21.87 16.71
N ILE A 132 -2.59 21.61 18.02
CA ILE A 132 -2.21 22.64 18.98
C ILE A 132 -0.71 22.87 18.96
N VAL A 133 0.08 21.79 19.10
CA VAL A 133 1.53 22.01 19.11
C VAL A 133 1.96 22.54 17.77
N LEU A 134 1.23 22.15 16.73
CA LEU A 134 1.61 22.53 15.37
C LEU A 134 1.58 24.04 15.20
N LYS A 135 0.45 24.65 15.56
CA LYS A 135 0.33 26.10 15.69
C LYS A 135 1.43 26.68 16.58
N TRP A 136 1.69 26.08 17.76
CA TRP A 136 2.71 26.66 18.62
C TRP A 136 4.04 26.79 17.88
N LEU A 137 4.39 25.73 17.15
CA LEU A 137 5.67 25.64 16.47
C LEU A 137 5.83 26.67 15.37
N LYS A 138 4.72 27.02 14.70
CA LYS A 138 4.77 28.06 13.68
C LYS A 138 5.32 29.37 14.24
N ASP A 139 4.92 29.75 15.45
CA ASP A 139 5.46 30.96 16.05
C ASP A 139 6.93 30.79 16.42
N VAL A 140 7.33 29.59 16.84
CA VAL A 140 8.74 29.25 17.02
C VAL A 140 9.53 29.49 15.73
N ILE A 141 8.98 29.06 14.60
CA ILE A 141 9.69 29.25 13.33
C ILE A 141 9.66 30.69 12.86
N LEU A 142 8.74 31.49 13.36
CA LEU A 142 8.70 32.92 13.06
C LEU A 142 9.50 33.74 14.06
N ASP A 143 10.37 33.10 14.85
CA ASP A 143 11.11 33.80 15.89
C ASP A 143 12.61 33.66 15.61
N GLU A 144 13.09 34.36 14.57
CA GLU A 144 14.41 34.12 14.02
C GLU A 144 15.51 33.98 15.03
N GLU A 145 15.46 34.79 16.08
CA GLU A 145 16.42 34.66 17.19
C GLU A 145 16.27 33.33 17.91
N PHE A 146 15.02 32.94 18.25
CA PHE A 146 14.81 31.63 18.84
C PHE A 146 15.37 30.54 17.91
N MET A 147 15.17 30.70 16.61
CA MET A 147 15.61 29.69 15.64
C MET A 147 17.14 29.68 15.48
N LYS A 148 17.79 30.83 15.57
CA LYS A 148 19.26 30.85 15.45
C LYS A 148 19.93 30.28 16.70
N ARG A 149 19.45 30.64 17.90
CA ARG A 149 19.99 30.06 19.12
C ARG A 149 20.02 28.55 19.06
N LEU A 150 18.96 27.95 18.50
CA LEU A 150 18.92 26.50 18.35
C LEU A 150 20.12 25.99 17.56
N LEU A 151 20.51 26.69 16.47
CA LEU A 151 21.58 26.19 15.61
C LEU A 151 22.95 26.28 16.28
N THR A 152 23.08 27.10 17.31
CA THR A 152 24.38 27.43 17.90
C THR A 152 24.32 27.36 19.42
N MET A 153 23.73 26.31 19.96
CA MET A 153 23.75 26.17 21.41
C MET A 153 23.79 24.69 21.75
N SER A 154 24.08 24.41 23.03
CA SER A 154 24.26 23.06 23.52
C SER A 154 22.90 22.44 23.85
N ASP A 155 22.89 21.11 24.04
CA ASP A 155 21.63 20.42 24.23
C ASP A 155 20.92 20.88 25.50
N GLU A 156 21.66 21.22 26.57
CA GLU A 156 21.01 21.74 27.78
C GLU A 156 20.50 23.16 27.55
N GLU A 157 21.30 24.00 26.87
CA GLU A 157 20.83 25.34 26.55
C GLU A 157 19.53 25.28 25.75
N ILE A 158 19.43 24.34 24.79
CA ILE A 158 18.20 24.19 24.02
C ILE A 158 17.04 23.74 24.90
N TYR A 159 17.24 22.68 25.69
CA TYR A 159 16.16 22.21 26.55
C TYR A 159 15.54 23.35 27.35
N ARG A 160 16.38 24.13 28.04
CA ARG A 160 15.84 25.21 28.88
C ARG A 160 15.13 26.27 28.06
N GLN A 161 15.57 26.50 26.83
CA GLN A 161 14.92 27.46 25.96
C GLN A 161 13.49 27.05 25.61
N ILE A 162 13.31 25.78 25.23
CA ILE A 162 11.99 25.31 24.83
C ILE A 162 11.12 25.07 26.05
N TYR A 163 11.69 24.41 27.07
CA TYR A 163 10.97 24.16 28.30
C TYR A 163 10.38 25.46 28.84
N THR A 164 11.14 26.55 28.74
CA THR A 164 10.61 27.83 29.14
C THR A 164 9.49 28.25 28.21
N ARG A 165 9.75 28.14 26.90
CA ARG A 165 8.71 28.46 25.93
C ARG A 165 7.47 27.59 26.14
N ILE A 166 7.64 26.31 26.49
CA ILE A 166 6.48 25.49 26.73
C ILE A 166 5.77 25.92 28.01
N SER A 167 6.54 26.39 29.00
CA SER A 167 5.93 26.82 30.25
C SER A 167 5.06 28.06 30.02
N LYS A 168 5.55 29.04 29.24
CA LYS A 168 4.76 30.23 28.97
C LYS A 168 3.43 29.94 28.25
N ALA A 169 3.24 28.75 27.68
CA ALA A 169 2.03 28.46 26.91
C ALA A 169 1.13 27.52 27.68
N PRO A 170 -0.06 27.94 28.15
CA PRO A 170 -0.91 27.00 28.91
C PRO A 170 -1.68 26.03 28.02
N GLN A 171 -1.85 26.35 26.73
CA GLN A 171 -2.42 25.41 25.77
C GLN A 171 -1.57 24.17 25.62
N LEU A 172 -0.29 24.27 25.92
CA LEU A 172 0.68 23.22 25.74
C LEU A 172 0.90 22.39 27.01
N SER A 173 0.09 22.57 28.03
CA SER A 173 0.24 21.74 29.21
C SER A 173 -0.12 20.30 28.89
N GLY A 174 0.60 19.39 29.53
CA GLY A 174 0.42 17.98 29.29
C GLY A 174 1.36 17.41 28.27
N ILE A 175 2.01 18.29 27.50
CA ILE A 175 3.09 17.91 26.58
C ILE A 175 4.31 17.52 27.40
N ASN A 176 5.01 16.50 26.91
CA ASN A 176 6.18 15.95 27.59
C ASN A 176 7.44 16.44 26.94
N PHE A 177 8.29 17.07 27.73
CA PHE A 177 9.55 17.53 27.21
C PHE A 177 10.60 17.34 28.26
N LYS A 178 11.66 16.66 27.89
CA LYS A 178 12.72 16.32 28.81
C LYS A 178 14.05 16.61 28.15
N ARG A 179 15.08 16.73 28.99
CA ARG A 179 16.43 16.97 28.50
C ARG A 179 16.91 15.90 27.52
N GLU A 180 16.39 14.68 27.60
CA GLU A 180 16.86 13.64 26.69
C GLU A 180 16.18 13.68 25.32
N TYR A 181 15.22 14.59 25.11
CA TYR A 181 14.55 14.72 23.82
C TYR A 181 15.29 15.67 22.89
N VAL A 182 16.43 16.20 23.33
CA VAL A 182 17.25 17.07 22.51
C VAL A 182 18.50 16.29 22.12
N ARG A 183 18.89 16.42 20.84
CA ARG A 183 19.94 15.59 20.26
C ARG A 183 20.55 16.37 19.11
N HIS A 184 21.88 16.45 19.10
CA HIS A 184 22.61 16.97 17.96
C HIS A 184 23.01 15.79 17.08
N LEU A 185 22.08 15.38 16.26
CA LEU A 185 22.38 14.34 15.29
C LEU A 185 23.27 14.90 14.20
N GLY A 186 24.10 14.02 13.65
CA GLY A 186 25.04 14.41 12.62
C GLY A 186 24.86 13.48 11.43
N THR A 187 25.17 14.02 10.27
CA THR A 187 24.94 13.23 9.08
C THR A 187 25.83 11.98 9.04
N GLN B 3 -3.73 4.30 -6.62
CA GLN B 3 -4.72 3.25 -6.90
C GLN B 3 -5.14 2.58 -5.62
N VAL B 4 -5.78 3.38 -4.77
CA VAL B 4 -6.35 2.89 -3.52
C VAL B 4 -7.66 2.18 -3.83
N GLN B 5 -7.74 0.90 -3.47
CA GLN B 5 -8.92 0.09 -3.74
C GLN B 5 -9.62 -0.28 -2.45
N LEU B 6 -10.89 0.13 -2.32
CA LEU B 6 -11.71 -0.12 -1.15
C LEU B 6 -12.86 -1.04 -1.53
N GLN B 7 -13.00 -2.13 -0.78
CA GLN B 7 -14.12 -3.05 -0.95
C GLN B 7 -14.90 -3.15 0.35
N GLU B 8 -16.20 -2.82 0.32
CA GLU B 8 -17.12 -2.88 1.45
C GLU B 8 -17.53 -4.32 1.76
N SER B 9 -18.07 -4.55 2.97
CA SER B 9 -18.58 -5.89 3.28
C SER B 9 -19.57 -5.86 4.44
N GLY B 10 -20.66 -6.62 4.31
CA GLY B 10 -21.68 -6.63 5.33
C GLY B 10 -22.95 -7.39 4.96
N PRO B 11 -23.96 -7.34 5.83
CA PRO B 11 -25.08 -8.27 5.70
C PRO B 11 -26.07 -7.86 4.62
N GLY B 12 -26.27 -6.56 4.41
CA GLY B 12 -27.13 -6.20 3.29
C GLY B 12 -28.62 -6.35 3.55
N LEU B 13 -29.02 -7.21 4.49
CA LEU B 13 -30.35 -7.20 5.08
C LEU B 13 -30.19 -7.16 6.57
N VAL B 14 -30.88 -6.25 7.22
CA VAL B 14 -30.85 -6.17 8.67
C VAL B 14 -32.27 -5.96 9.14
N LYS B 15 -32.65 -6.62 10.23
CA LYS B 15 -34.01 -6.47 10.73
C LYS B 15 -34.17 -5.10 11.38
N PRO B 16 -35.36 -4.48 11.26
CA PRO B 16 -35.56 -3.18 11.90
C PRO B 16 -35.31 -3.23 13.40
N SER B 17 -34.84 -2.09 13.92
CA SER B 17 -34.45 -1.91 15.32
C SER B 17 -33.22 -2.76 15.66
N GLU B 18 -32.45 -3.17 14.66
CA GLU B 18 -31.23 -3.95 14.88
C GLU B 18 -30.02 -3.10 14.50
N THR B 19 -28.82 -3.68 14.55
CA THR B 19 -27.59 -2.95 14.28
C THR B 19 -26.98 -3.36 12.95
N LEU B 20 -26.63 -2.35 12.15
CA LEU B 20 -25.89 -2.54 10.92
C LEU B 20 -24.38 -2.56 11.20
N SER B 21 -23.74 -3.66 10.83
CA SER B 21 -22.30 -3.78 10.94
C SER B 21 -21.73 -3.93 9.54
N LEU B 22 -20.80 -3.03 9.17
CA LEU B 22 -20.13 -3.05 7.88
C LEU B 22 -18.63 -2.90 8.09
N THR B 23 -17.86 -3.31 7.08
CA THR B 23 -16.38 -3.27 7.09
C THR B 23 -15.84 -2.96 5.71
N CYS B 24 -14.72 -2.25 5.69
CA CYS B 24 -14.08 -1.80 4.48
C CYS B 24 -12.64 -2.26 4.45
N ALA B 25 -12.22 -2.83 3.34
CA ALA B 25 -10.86 -3.33 3.25
C ALA B 25 -10.11 -2.52 2.21
N VAL B 26 -9.06 -1.85 2.67
CA VAL B 26 -8.22 -1.03 1.81
C VAL B 26 -7.03 -1.87 1.34
N SER B 27 -6.70 -1.73 0.05
CA SER B 27 -5.49 -2.31 -0.50
C SER B 27 -4.58 -1.23 -1.08
N GLY B 28 -5.06 0.03 -1.11
CA GLY B 28 -4.21 1.14 -1.56
C GLY B 28 -2.81 1.14 -0.98
N GLY B 29 -2.68 0.91 0.32
CA GLY B 29 -1.38 0.74 0.88
C GLY B 29 -1.13 1.64 2.07
N SER B 30 -1.45 2.93 1.90
CA SER B 30 -1.20 3.89 2.96
C SER B 30 -2.46 4.02 3.82
N PHE B 31 -2.74 2.96 4.57
CA PHE B 31 -3.90 3.01 5.43
C PHE B 31 -3.61 3.70 6.75
N SER B 32 -2.38 3.67 7.24
CA SER B 32 -2.14 4.28 8.54
C SER B 32 -2.29 5.79 8.50
N SER B 33 -2.12 6.40 7.34
CA SER B 33 -1.82 7.82 7.30
C SER B 33 -2.98 8.60 6.72
N ASP B 34 -3.98 7.90 6.22
CA ASP B 34 -5.15 8.53 5.69
C ASP B 34 -6.33 8.36 6.63
N TRP B 35 -7.26 9.30 6.43
CA TRP B 35 -8.57 9.34 7.02
C TRP B 35 -9.55 8.56 6.18
N TRP B 36 -10.23 7.61 6.78
CA TRP B 36 -11.20 6.82 6.05
C TRP B 36 -12.59 7.05 6.60
N GLY B 37 -13.56 7.12 5.70
CA GLY B 37 -14.92 7.45 6.08
C GLY B 37 -15.96 6.61 5.39
N TRP B 38 -17.22 6.84 5.81
CA TRP B 38 -18.44 6.30 5.23
C TRP B 38 -19.38 7.41 4.80
N ILE B 39 -20.05 7.21 3.67
CA ILE B 39 -21.09 8.08 3.12
C ILE B 39 -22.16 7.15 2.57
N ARG B 40 -23.44 7.52 2.73
CA ARG B 40 -24.49 6.70 2.21
C ARG B 40 -25.40 7.51 1.33
N GLN B 41 -26.11 6.80 0.48
CA GLN B 41 -27.01 7.40 -0.48
C GLN B 41 -28.25 6.54 -0.47
N PRO B 42 -29.36 7.07 0.04
CA PRO B 42 -30.59 6.30 0.06
C PRO B 42 -31.13 6.17 -1.38
N PRO B 43 -31.95 5.13 -1.64
CA PRO B 43 -32.48 4.96 -3.01
C PRO B 43 -33.06 6.23 -3.61
N GLY B 44 -32.53 6.66 -4.75
CA GLY B 44 -33.05 7.81 -5.47
C GLY B 44 -32.82 9.16 -4.83
N LYS B 45 -31.81 9.29 -3.95
CA LYS B 45 -31.60 10.50 -3.17
C LYS B 45 -30.13 10.89 -3.25
N GLY B 46 -29.72 11.89 -2.46
CA GLY B 46 -28.35 12.41 -2.49
C GLY B 46 -27.44 11.73 -1.48
N LEU B 47 -26.28 12.34 -1.29
CA LEU B 47 -25.21 11.72 -0.51
C LEU B 47 -25.17 12.29 0.90
N GLU B 48 -25.14 11.39 1.89
CA GLU B 48 -25.04 11.78 3.29
C GLU B 48 -23.75 11.24 3.89
N TRP B 49 -22.90 12.11 4.45
CA TRP B 49 -21.68 11.70 5.15
C TRP B 49 -22.03 11.19 6.54
N ILE B 50 -21.56 9.99 6.89
CA ILE B 50 -21.85 9.41 8.20
C ILE B 50 -20.78 9.77 9.24
N GLY B 51 -19.51 9.47 8.94
CA GLY B 51 -18.39 9.92 9.77
C GLY B 51 -17.13 9.33 9.22
N THR B 52 -16.00 9.70 9.83
CA THR B 52 -14.69 9.31 9.32
C THR B 52 -13.73 9.15 10.50
N ILE B 53 -12.78 8.24 10.32
CA ILE B 53 -11.87 7.84 11.40
C ILE B 53 -10.44 7.80 10.90
N TYR B 54 -9.50 8.19 11.77
CA TYR B 54 -8.12 8.19 11.33
C TYR B 54 -7.61 6.77 11.19
N GLY B 55 -6.74 6.57 10.19
CA GLY B 55 -6.30 5.23 9.86
C GLY B 55 -5.56 4.53 10.98
N SER B 56 -4.74 5.27 11.74
CA SER B 56 -3.97 4.68 12.82
C SER B 56 -4.79 4.54 14.11
N GLY B 57 -6.08 4.88 14.06
CA GLY B 57 -6.86 5.00 15.27
C GLY B 57 -6.61 6.31 16.00
N GLY B 58 -7.62 6.72 16.78
CA GLY B 58 -7.49 7.78 17.76
C GLY B 58 -8.43 8.95 17.56
N SER B 59 -8.80 9.25 16.32
CA SER B 59 -9.56 10.45 15.99
C SER B 59 -10.71 10.04 15.08
N ASN B 60 -11.93 10.40 15.49
CA ASN B 60 -13.19 10.20 14.82
C ASN B 60 -13.77 11.57 14.50
N TYR B 61 -14.52 11.64 13.42
CA TYR B 61 -15.40 12.78 13.20
C TYR B 61 -16.71 12.18 12.71
N LEU B 62 -17.80 12.57 13.36
CA LEU B 62 -19.08 11.95 13.08
C LEU B 62 -20.09 12.98 12.63
N ASN B 63 -21.17 12.49 12.08
CA ASN B 63 -22.27 13.37 11.76
C ASN B 63 -23.00 13.80 13.03
N PRO B 64 -23.03 15.10 13.36
CA PRO B 64 -23.80 15.52 14.54
C PRO B 64 -25.15 14.84 14.71
N SER B 65 -25.93 14.67 13.64
CA SER B 65 -27.27 14.12 13.88
C SER B 65 -27.26 12.59 14.02
N LEU B 66 -26.24 11.91 13.47
CA LEU B 66 -26.06 10.48 13.70
C LEU B 66 -25.03 10.19 14.76
N LYS B 67 -24.47 11.22 15.41
CA LYS B 67 -23.53 11.03 16.50
C LYS B 67 -24.00 9.93 17.45
N SER B 68 -25.30 9.83 17.70
CA SER B 68 -25.76 8.98 18.79
C SER B 68 -25.94 7.53 18.36
N ARG B 69 -25.86 7.26 17.06
CA ARG B 69 -26.23 5.98 16.49
C ARG B 69 -25.07 5.30 15.85
N VAL B 70 -23.95 5.98 15.75
CA VAL B 70 -22.85 5.48 14.96
C VAL B 70 -21.61 5.35 15.83
N THR B 71 -20.91 4.23 15.71
CA THR B 71 -19.55 4.14 16.21
C THR B 71 -18.65 3.68 15.08
N LEU B 72 -17.35 3.95 15.20
CA LEU B 72 -16.38 3.65 14.16
C LEU B 72 -15.15 2.95 14.74
N SER B 73 -14.51 2.07 13.98
CA SER B 73 -13.32 1.37 14.46
C SER B 73 -12.29 1.19 13.34
N VAL B 74 -11.00 1.05 13.71
CA VAL B 74 -9.98 0.69 12.72
C VAL B 74 -9.23 -0.56 13.17
N ASP B 75 -8.84 -1.39 12.21
CA ASP B 75 -7.81 -2.42 12.39
C ASP B 75 -6.71 -2.02 11.42
N THR B 76 -5.69 -1.33 11.93
CA THR B 76 -4.66 -0.89 11.01
C THR B 76 -3.95 -2.08 10.39
N SER B 77 -3.68 -3.13 11.19
CA SER B 77 -2.87 -4.26 10.71
C SER B 77 -3.51 -4.95 9.51
N LYS B 78 -4.84 -4.99 9.48
CA LYS B 78 -5.59 -5.61 8.39
C LYS B 78 -6.07 -4.60 7.36
N ASN B 79 -5.67 -3.33 7.49
CA ASN B 79 -6.10 -2.30 6.55
C ASN B 79 -7.60 -2.27 6.43
N GLN B 80 -8.27 -2.43 7.57
CA GLN B 80 -9.71 -2.36 7.60
C GLN B 80 -10.17 -1.30 8.60
N PHE B 81 -11.30 -0.69 8.28
CA PHE B 81 -12.10 0.12 9.20
C PHE B 81 -13.57 -0.29 9.06
N SER B 82 -14.35 -0.06 10.12
CA SER B 82 -15.73 -0.55 10.20
C SER B 82 -16.70 0.52 10.65
N LEU B 83 -17.97 0.23 10.39
CA LEU B 83 -19.09 1.08 10.75
C LEU B 83 -20.10 0.28 11.57
N ARG B 84 -20.62 0.91 12.61
CA ARG B 84 -21.70 0.31 13.38
C ARG B 84 -22.81 1.33 13.48
N LEU B 85 -23.94 1.05 12.84
CA LEU B 85 -25.16 1.88 12.92
C LEU B 85 -26.20 1.19 13.81
N SER B 86 -26.74 1.93 14.76
CA SER B 86 -27.58 1.36 15.80
C SER B 86 -29.05 1.69 15.60
N SER B 87 -29.90 0.82 16.16
CA SER B 87 -31.33 1.06 16.23
C SER B 87 -31.85 1.44 14.84
N VAL B 88 -31.66 0.51 13.91
CA VAL B 88 -31.78 0.82 12.48
C VAL B 88 -33.25 0.90 12.08
N THR B 89 -33.55 1.81 11.13
CA THR B 89 -34.89 2.05 10.67
C THR B 89 -34.92 1.87 9.17
N ALA B 90 -36.14 1.72 8.63
CA ALA B 90 -36.29 1.73 7.17
C ALA B 90 -35.72 2.99 6.53
N ALA B 91 -35.32 3.99 7.32
CA ALA B 91 -34.72 5.21 6.77
C ALA B 91 -33.25 5.00 6.42
N ASP B 92 -32.58 4.10 7.14
CA ASP B 92 -31.21 3.69 6.94
C ASP B 92 -31.08 2.74 5.75
N THR B 93 -32.19 2.31 5.14
CA THR B 93 -32.10 1.55 3.90
C THR B 93 -31.42 2.43 2.86
N ALA B 94 -30.19 2.11 2.51
CA ALA B 94 -29.44 2.96 1.60
C ALA B 94 -28.33 2.14 0.97
N VAL B 95 -27.56 2.79 0.12
CA VAL B 95 -26.26 2.28 -0.32
C VAL B 95 -25.20 2.95 0.53
N TYR B 96 -24.22 2.18 0.99
CA TYR B 96 -23.20 2.69 1.90
C TYR B 96 -21.83 2.54 1.24
N TYR B 97 -21.09 3.64 1.10
CA TYR B 97 -19.77 3.63 0.48
C TYR B 97 -18.71 3.79 1.56
N CYS B 98 -17.47 3.34 1.30
CA CYS B 98 -16.34 3.82 2.09
C CYS B 98 -15.41 4.66 1.21
N ALA B 99 -14.84 5.71 1.77
CA ALA B 99 -14.03 6.64 1.00
C ALA B 99 -12.75 6.98 1.77
N ARG B 100 -11.69 7.29 1.02
CA ARG B 100 -10.50 7.89 1.59
C ARG B 100 -10.66 9.42 1.59
N GLY B 101 -10.05 10.07 2.58
CA GLY B 101 -10.14 11.53 2.70
C GLY B 101 -9.08 12.30 1.91
N SER B 102 -9.44 13.53 1.52
CA SER B 102 -8.54 14.50 0.90
C SER B 102 -8.39 15.67 1.84
N GLY B 103 -7.14 16.05 2.08
CA GLY B 103 -6.85 17.11 3.04
C GLY B 103 -5.68 17.97 2.59
N ARG B 104 -5.77 19.28 2.84
CA ARG B 104 -4.75 20.28 2.44
C ARG B 104 -4.43 21.14 3.67
N TYR B 105 -3.43 20.73 4.46
CA TYR B 105 -3.02 21.44 5.66
C TYR B 105 -2.05 22.57 5.28
N ASN B 106 -2.36 23.80 5.69
CA ASN B 106 -1.47 24.94 5.52
C ASN B 106 -1.23 25.51 6.90
N ILE B 107 -0.03 25.31 7.41
CA ILE B 107 0.50 26.13 8.48
C ILE B 107 0.56 27.54 7.87
N TRP B 108 0.97 28.57 8.64
CA TRP B 108 1.02 29.98 8.23
C TRP B 108 -0.37 30.57 8.01
N THR B 109 -1.32 29.73 7.85
CA THR B 109 -2.69 30.03 7.54
C THR B 109 -3.60 29.57 8.64
N GLY B 110 -3.29 28.43 9.22
CA GLY B 110 -4.09 27.84 10.26
C GLY B 110 -5.19 26.92 9.81
N TYR B 111 -5.21 26.47 8.55
CA TYR B 111 -6.24 25.54 8.12
C TYR B 111 -5.72 24.15 8.42
N TYR B 112 -6.43 23.41 9.26
CA TYR B 112 -5.97 22.06 9.55
C TYR B 112 -7.13 21.06 9.55
N THR B 113 -8.20 21.31 8.80
CA THR B 113 -9.29 20.32 8.68
C THR B 113 -8.75 19.00 8.14
N PRO B 114 -8.95 17.87 8.82
CA PRO B 114 -8.14 16.67 8.48
C PRO B 114 -8.45 16.01 7.16
N PHE B 115 -9.67 16.10 6.70
CA PHE B 115 -10.05 15.64 5.38
C PHE B 115 -11.08 16.66 4.95
N ASP B 116 -10.94 17.12 3.72
CA ASP B 116 -11.87 18.08 3.15
C ASP B 116 -12.71 17.49 2.04
N ALA B 117 -12.19 16.49 1.32
CA ALA B 117 -12.93 15.91 0.19
C ALA B 117 -12.66 14.41 0.14
N PHE B 118 -13.48 13.68 -0.58
CA PHE B 118 -13.37 12.21 -0.59
C PHE B 118 -12.86 11.76 -1.94
N ASP B 119 -11.58 11.45 -2.01
CA ASP B 119 -10.95 11.37 -3.31
C ASP B 119 -11.15 10.00 -3.95
N PHE B 120 -10.93 8.92 -3.21
CA PHE B 120 -11.16 7.57 -3.69
C PHE B 120 -12.36 7.00 -2.98
N TRP B 121 -13.26 6.42 -3.74
CA TRP B 121 -14.46 5.81 -3.22
C TRP B 121 -14.43 4.32 -3.45
N GLY B 122 -15.25 3.60 -2.72
CA GLY B 122 -15.41 2.17 -2.87
C GLY B 122 -16.58 1.84 -3.80
N ARG B 123 -16.97 0.56 -3.77
CA ARG B 123 -17.94 0.05 -4.73
C ARG B 123 -19.38 0.39 -4.33
N GLY B 124 -19.75 0.05 -3.10
CA GLY B 124 -21.05 0.40 -2.58
C GLY B 124 -21.79 -0.88 -2.25
N LEU B 125 -22.16 -1.06 -0.98
CA LEU B 125 -22.90 -2.22 -0.51
C LEU B 125 -24.35 -1.82 -0.28
N ARG B 126 -25.29 -2.61 -0.80
CA ARG B 126 -26.70 -2.31 -0.60
C ARG B 126 -27.17 -2.92 0.72
N VAL B 127 -27.77 -2.08 1.56
CA VAL B 127 -28.34 -2.49 2.83
C VAL B 127 -29.84 -2.27 2.83
N THR B 128 -30.58 -3.32 3.16
CA THR B 128 -32.03 -3.32 3.17
C THR B 128 -32.49 -3.55 4.60
N VAL B 129 -33.29 -2.63 5.12
CA VAL B 129 -33.91 -2.78 6.42
C VAL B 129 -35.31 -3.32 6.18
N SER B 130 -35.54 -4.55 6.62
CA SER B 130 -36.75 -5.29 6.31
C SER B 130 -36.87 -6.41 7.33
N SER B 131 -38.12 -6.74 7.68
CA SER B 131 -38.41 -7.90 8.51
C SER B 131 -38.48 -9.18 7.69
N ALA B 132 -38.64 -9.04 6.38
CA ALA B 132 -38.63 -10.20 5.52
C ALA B 132 -37.28 -10.88 5.66
N SER B 133 -37.24 -12.17 5.36
CA SER B 133 -36.04 -12.95 5.55
C SER B 133 -35.32 -13.06 4.20
N THR B 134 -34.19 -13.78 4.17
CA THR B 134 -33.39 -13.93 2.95
C THR B 134 -33.77 -15.23 2.24
N LYS B 135 -34.00 -15.15 0.93
CA LYS B 135 -34.33 -16.32 0.12
C LYS B 135 -33.30 -16.48 -0.99
N GLY B 136 -32.79 -17.70 -1.14
CA GLY B 136 -31.92 -18.04 -2.24
C GLY B 136 -32.68 -18.10 -3.56
N PRO B 137 -32.09 -17.50 -4.59
CA PRO B 137 -32.73 -17.52 -5.91
C PRO B 137 -32.87 -18.93 -6.45
N SER B 138 -33.88 -19.11 -7.32
CA SER B 138 -34.03 -20.33 -8.13
C SER B 138 -33.48 -20.03 -9.54
N VAL B 139 -32.52 -20.84 -10.00
CA VAL B 139 -31.82 -20.60 -11.27
C VAL B 139 -32.41 -21.47 -12.39
N PHE B 140 -32.61 -20.89 -13.57
CA PHE B 140 -33.21 -21.55 -14.74
C PHE B 140 -32.54 -21.09 -16.03
N PRO B 141 -32.50 -21.95 -17.09
CA PRO B 141 -31.86 -21.59 -18.37
C PRO B 141 -32.45 -20.36 -19.06
N CYS B 158 -29.36 -16.08 -18.57
CA CYS B 158 -29.87 -16.99 -17.55
C CYS B 158 -31.10 -16.42 -16.81
N LEU B 159 -31.89 -17.29 -16.17
CA LEU B 159 -33.09 -16.90 -15.42
C LEU B 159 -32.87 -17.04 -13.91
N VAL B 160 -33.05 -15.94 -13.18
CA VAL B 160 -32.94 -15.93 -11.73
C VAL B 160 -34.20 -15.31 -11.14
N LYS B 161 -34.94 -16.07 -10.35
CA LYS B 161 -36.20 -15.57 -9.81
C LYS B 161 -36.39 -16.02 -8.37
N ASP B 162 -37.22 -15.26 -7.67
CA ASP B 162 -37.64 -15.54 -6.31
C ASP B 162 -36.47 -15.41 -5.33
N TYR B 163 -35.81 -14.23 -5.32
CA TYR B 163 -34.69 -13.94 -4.42
C TYR B 163 -34.90 -12.62 -3.69
N PHE B 164 -34.25 -12.49 -2.53
CA PHE B 164 -34.29 -11.27 -1.74
C PHE B 164 -33.26 -11.38 -0.63
N PRO B 165 -32.61 -10.28 -0.23
CA PRO B 165 -32.66 -8.94 -0.84
C PRO B 165 -31.74 -8.80 -2.04
N GLU B 166 -31.58 -7.58 -2.55
CA GLU B 166 -30.62 -7.27 -3.62
C GLU B 166 -29.19 -7.16 -3.04
N PRO B 167 -28.15 -7.39 -3.90
CA PRO B 167 -28.22 -7.74 -5.32
C PRO B 167 -27.71 -9.13 -5.64
N VAL B 168 -27.61 -9.53 -6.92
CA VAL B 168 -27.01 -10.79 -7.36
C VAL B 168 -25.87 -10.52 -8.34
N THR B 169 -25.07 -11.57 -8.57
CA THR B 169 -23.88 -11.51 -9.43
C THR B 169 -24.12 -12.27 -10.74
N VAL B 170 -23.64 -11.69 -11.86
CA VAL B 170 -23.78 -12.26 -13.21
C VAL B 170 -22.39 -12.32 -13.84
N SER B 171 -21.75 -13.48 -13.79
CA SER B 171 -20.51 -13.72 -14.50
C SER B 171 -20.72 -14.90 -15.45
N TRP B 172 -20.44 -14.68 -16.73
CA TRP B 172 -20.62 -15.69 -17.76
C TRP B 172 -19.29 -16.34 -18.12
N ASN B 173 -19.32 -17.66 -18.33
CA ASN B 173 -18.14 -18.47 -18.64
C ASN B 173 -17.09 -18.39 -17.50
N SER B 174 -17.58 -18.36 -16.25
CA SER B 174 -16.78 -18.20 -15.02
C SER B 174 -15.94 -16.92 -15.05
N GLY B 175 -16.33 -16.01 -15.93
CA GLY B 175 -15.66 -14.74 -16.16
C GLY B 175 -15.05 -14.59 -17.52
N ALA B 176 -15.02 -15.66 -18.32
CA ALA B 176 -14.32 -15.61 -19.60
C ALA B 176 -15.08 -14.75 -20.61
N LEU B 177 -16.40 -14.88 -20.65
CA LEU B 177 -17.20 -14.10 -21.55
C LEU B 177 -17.49 -12.76 -20.89
N THR B 178 -16.88 -11.70 -21.44
CA THR B 178 -17.01 -10.33 -20.94
C THR B 178 -17.47 -9.38 -22.04
N SER B 179 -18.14 -9.89 -23.05
CA SER B 179 -18.62 -9.09 -24.16
C SER B 179 -19.89 -9.72 -24.70
N GLY B 180 -20.73 -8.88 -25.33
CA GLY B 180 -22.00 -9.35 -25.83
C GLY B 180 -23.01 -9.73 -24.77
N VAL B 181 -22.77 -9.32 -23.53
CA VAL B 181 -23.60 -9.66 -22.38
C VAL B 181 -24.06 -8.38 -21.71
N HIS B 182 -25.38 -8.24 -21.58
CA HIS B 182 -25.99 -7.07 -20.96
C HIS B 182 -26.95 -7.60 -19.90
N THR B 183 -26.55 -7.46 -18.65
CA THR B 183 -27.40 -7.90 -17.56
C THR B 183 -28.54 -6.91 -17.33
N PHE B 184 -29.76 -7.44 -17.14
CA PHE B 184 -30.93 -6.58 -17.06
C PHE B 184 -31.26 -6.24 -15.60
N PRO B 185 -31.59 -4.97 -15.32
CA PRO B 185 -31.99 -4.60 -13.97
C PRO B 185 -33.21 -5.40 -13.53
N ALA B 186 -33.32 -5.61 -12.22
CA ALA B 186 -34.26 -6.59 -11.70
C ALA B 186 -35.66 -6.02 -11.58
N VAL B 187 -36.64 -6.91 -11.41
CA VAL B 187 -38.05 -6.53 -11.29
C VAL B 187 -38.55 -6.99 -9.94
N LEU B 188 -39.26 -6.11 -9.24
CA LEU B 188 -39.80 -6.45 -7.94
C LEU B 188 -41.12 -7.17 -8.14
N GLN B 189 -41.15 -8.47 -7.90
CA GLN B 189 -42.40 -9.21 -7.97
C GLN B 189 -43.34 -8.70 -6.89
N SER B 190 -44.63 -8.74 -7.20
CA SER B 190 -45.62 -8.28 -6.23
C SER B 190 -45.56 -9.07 -4.92
N SER B 191 -44.84 -10.19 -4.89
CA SER B 191 -44.69 -10.92 -3.64
C SER B 191 -43.65 -10.32 -2.72
N GLY B 192 -43.06 -9.18 -3.08
CA GLY B 192 -41.97 -8.60 -2.34
C GLY B 192 -40.62 -9.20 -2.70
N LEU B 193 -40.56 -9.96 -3.80
CA LEU B 193 -39.38 -10.69 -4.26
C LEU B 193 -38.85 -10.07 -5.56
N TYR B 194 -37.56 -10.33 -5.81
CA TYR B 194 -36.82 -9.80 -6.94
C TYR B 194 -36.51 -10.89 -7.95
N SER B 195 -36.47 -10.50 -9.23
CA SER B 195 -36.12 -11.40 -10.33
C SER B 195 -35.52 -10.57 -11.47
N LEU B 196 -34.60 -11.17 -12.23
CA LEU B 196 -34.04 -10.52 -13.41
C LEU B 196 -33.51 -11.58 -14.38
N SER B 197 -32.87 -11.09 -15.45
CA SER B 197 -32.22 -11.96 -16.43
C SER B 197 -31.14 -11.17 -17.17
N SER B 198 -30.20 -11.91 -17.79
CA SER B 198 -29.01 -11.38 -18.48
C SER B 198 -28.85 -11.98 -19.87
N VAL B 199 -28.32 -11.18 -20.80
CA VAL B 199 -28.15 -11.60 -22.19
C VAL B 199 -26.99 -12.58 -22.38
N PRO B 203 -20.94 -17.90 -31.89
CA PRO B 203 -22.34 -17.48 -31.87
C PRO B 203 -23.23 -18.30 -32.83
N SER B 204 -23.65 -17.75 -33.99
CA SER B 204 -24.48 -18.50 -34.95
C SER B 204 -23.77 -19.73 -35.51
N SER B 205 -22.48 -19.90 -35.19
CA SER B 205 -21.70 -21.05 -35.62
C SER B 205 -21.01 -21.78 -34.47
N SER B 206 -20.85 -21.15 -33.30
CA SER B 206 -20.18 -21.81 -32.19
C SER B 206 -20.97 -23.04 -31.76
N LEU B 207 -22.29 -22.86 -31.55
CA LEU B 207 -23.21 -23.96 -31.28
C LEU B 207 -22.65 -24.89 -30.22
N GLY B 208 -22.19 -26.07 -30.65
CA GLY B 208 -21.60 -27.00 -29.71
C GLY B 208 -20.37 -26.45 -29.01
N THR B 209 -19.53 -25.72 -29.75
CA THR B 209 -18.33 -25.15 -29.15
C THR B 209 -18.67 -23.82 -28.45
N GLN B 210 -18.36 -23.76 -27.15
CA GLN B 210 -18.50 -22.57 -26.29
C GLN B 210 -19.81 -21.80 -26.47
N ILE B 213 -22.11 -21.49 -19.81
CA ILE B 213 -22.51 -21.63 -18.43
C ILE B 213 -22.50 -20.29 -17.66
N CYS B 214 -23.63 -19.99 -16.99
CA CYS B 214 -23.79 -18.76 -16.22
C CYS B 214 -23.48 -19.01 -14.75
N ASN B 215 -22.72 -18.09 -14.13
CA ASN B 215 -22.33 -18.18 -12.72
C ASN B 215 -23.03 -17.07 -11.94
N VAL B 216 -23.74 -17.43 -10.86
CA VAL B 216 -24.56 -16.49 -10.12
C VAL B 216 -24.36 -16.69 -8.62
N ASN B 217 -24.08 -15.60 -7.91
CA ASN B 217 -23.91 -15.59 -6.45
C ASN B 217 -24.92 -14.60 -5.86
N HIS B 218 -25.57 -15.02 -4.78
CA HIS B 218 -26.44 -14.16 -3.99
C HIS B 218 -25.73 -14.10 -2.64
N LYS B 219 -25.05 -12.98 -2.37
CA LYS B 219 -24.30 -12.91 -1.12
C LYS B 219 -25.22 -12.89 0.09
N PRO B 220 -26.30 -12.10 0.13
CA PRO B 220 -27.18 -12.19 1.30
C PRO B 220 -27.61 -13.61 1.62
N SER B 221 -27.88 -14.43 0.62
CA SER B 221 -28.22 -15.81 0.93
C SER B 221 -27.00 -16.72 0.94
N ASN B 222 -25.82 -16.22 0.56
CA ASN B 222 -24.57 -16.99 0.47
C ASN B 222 -24.76 -18.25 -0.37
N THR B 223 -25.39 -18.08 -1.52
CA THR B 223 -25.65 -19.17 -2.44
C THR B 223 -24.97 -18.86 -3.76
N LYS B 224 -24.14 -19.76 -4.24
CA LYS B 224 -23.52 -19.63 -5.56
C LYS B 224 -24.00 -20.76 -6.44
N VAL B 225 -24.40 -20.44 -7.66
CA VAL B 225 -24.82 -21.43 -8.65
C VAL B 225 -24.02 -21.13 -9.92
N ASP B 226 -23.01 -21.94 -10.20
CA ASP B 226 -22.24 -21.77 -11.44
C ASP B 226 -22.79 -22.70 -12.53
N LYS B 227 -24.09 -22.54 -12.81
CA LYS B 227 -24.81 -23.39 -13.78
C LYS B 227 -25.68 -22.60 -14.76
N SER C 1 -27.93 22.31 10.01
CA SER C 1 -28.87 23.33 9.48
C SER C 1 -28.26 24.09 8.28
N TYR C 2 -27.12 23.61 7.77
CA TYR C 2 -26.45 24.19 6.61
C TYR C 2 -26.83 23.39 5.37
N GLU C 3 -27.08 24.07 4.24
CA GLU C 3 -27.51 23.40 3.02
C GLU C 3 -26.82 24.02 1.81
N LEU C 4 -26.61 23.20 0.78
CA LEU C 4 -25.97 23.62 -0.46
C LEU C 4 -27.00 23.65 -1.57
N THR C 5 -27.19 24.83 -2.17
CA THR C 5 -28.20 25.03 -3.20
C THR C 5 -27.57 24.88 -4.57
N GLN C 6 -28.08 23.96 -5.36
CA GLN C 6 -27.67 23.85 -6.75
C GLN C 6 -28.90 23.51 -7.58
N PRO C 7 -28.95 23.96 -8.84
CA PRO C 7 -30.09 23.67 -9.71
C PRO C 7 -30.36 22.17 -9.81
N PRO C 8 -31.63 21.77 -9.73
CA PRO C 8 -31.98 20.34 -9.81
C PRO C 8 -31.46 19.60 -11.05
N SER C 9 -31.30 20.28 -12.18
CA SER C 9 -30.93 19.60 -13.42
C SER C 9 -30.54 20.63 -14.47
N MET C 10 -29.85 20.17 -15.50
CA MET C 10 -29.38 21.07 -16.55
C MET C 10 -29.27 20.28 -17.84
N SER C 11 -29.58 20.96 -18.93
CA SER C 11 -29.52 20.38 -20.26
C SER C 11 -28.48 21.11 -21.08
N VAL C 12 -27.73 20.34 -21.88
CA VAL C 12 -26.80 20.97 -22.80
C VAL C 12 -26.55 20.05 -23.98
N SER C 13 -26.78 20.56 -25.19
CA SER C 13 -26.56 19.78 -26.40
C SER C 13 -25.06 19.67 -26.68
N PRO C 14 -24.63 18.56 -27.29
CA PRO C 14 -23.18 18.31 -27.41
C PRO C 14 -22.46 19.48 -28.06
N GLY C 15 -21.21 19.66 -27.67
CA GLY C 15 -20.33 20.65 -28.25
C GLY C 15 -20.21 21.95 -27.47
N GLN C 16 -21.05 22.16 -26.45
CA GLN C 16 -21.07 23.39 -25.70
C GLN C 16 -20.22 23.24 -24.42
N THR C 17 -20.27 24.24 -23.54
CA THR C 17 -19.64 24.20 -22.24
C THR C 17 -20.71 23.90 -21.19
N ALA C 18 -20.31 23.76 -19.94
CA ALA C 18 -21.29 23.60 -18.86
C ALA C 18 -20.86 24.49 -17.70
N ARG C 19 -21.84 24.93 -16.93
CA ARG C 19 -21.58 25.82 -15.81
C ARG C 19 -22.49 25.44 -14.67
N ILE C 20 -22.40 24.18 -14.23
CA ILE C 20 -23.12 23.75 -13.06
C ILE C 20 -22.67 24.57 -11.86
N THR C 21 -23.62 25.19 -11.15
CA THR C 21 -23.35 26.07 -10.02
C THR C 21 -23.81 25.47 -8.69
N CYS C 22 -23.34 26.07 -7.61
CA CYS C 22 -23.57 25.65 -6.23
C CYS C 22 -23.50 26.88 -5.35
N GLY C 23 -24.48 27.05 -4.49
CA GLY C 23 -24.57 28.24 -3.65
C GLY C 23 -24.68 27.89 -2.17
N GLY C 24 -24.15 28.78 -1.35
CA GLY C 24 -24.16 28.57 0.10
C GLY C 24 -23.47 29.73 0.78
N ASP C 25 -23.76 29.86 2.08
CA ASP C 25 -23.27 30.98 2.86
C ASP C 25 -21.76 30.95 2.97
N ASN C 26 -21.11 32.07 2.65
CA ASN C 26 -19.67 32.19 2.78
C ASN C 26 -18.96 31.11 1.98
N LEU C 27 -19.59 30.70 0.88
CA LEU C 27 -18.96 29.70 0.02
C LEU C 27 -17.64 30.21 -0.56
N GLY C 28 -17.42 31.53 -0.55
CA GLY C 28 -16.10 32.04 -0.85
C GLY C 28 -15.06 31.68 0.18
N SER C 29 -15.44 31.70 1.47
CA SER C 29 -14.55 31.34 2.57
C SER C 29 -14.54 29.83 2.84
N LYS C 30 -15.07 29.05 1.91
CA LYS C 30 -15.15 27.61 2.07
C LYS C 30 -14.67 26.96 0.79
N TYR C 31 -14.09 25.78 0.93
CA TYR C 31 -13.65 25.01 -0.21
C TYR C 31 -14.80 24.21 -0.77
N VAL C 32 -14.93 24.19 -2.08
CA VAL C 32 -16.01 23.47 -2.72
C VAL C 32 -15.41 22.36 -3.56
N HIS C 33 -15.98 21.17 -3.46
CA HIS C 33 -15.48 20.01 -4.17
C HIS C 33 -16.60 19.43 -5.00
N TRP C 34 -16.31 19.09 -6.23
CA TRP C 34 -17.33 18.64 -7.16
C TRP C 34 -17.22 17.14 -7.36
N TYR C 35 -18.36 16.46 -7.34
CA TYR C 35 -18.39 15.02 -7.57
C TYR C 35 -19.35 14.71 -8.71
N GLN C 36 -19.02 13.65 -9.45
CA GLN C 36 -19.81 13.23 -10.61
C GLN C 36 -20.22 11.77 -10.41
N GLN C 37 -21.52 11.50 -10.39
CA GLN C 37 -22.00 10.11 -10.27
C GLN C 37 -22.90 9.74 -11.43
N LYS C 38 -22.58 8.61 -12.06
CA LYS C 38 -23.33 8.02 -13.16
C LYS C 38 -24.15 6.84 -12.67
N PRO C 39 -25.18 6.41 -13.41
CA PRO C 39 -26.02 5.31 -12.94
C PRO C 39 -25.23 4.03 -12.63
N ALA C 40 -25.57 3.43 -11.48
CA ALA C 40 -24.98 2.19 -10.94
C ALA C 40 -23.51 2.35 -10.56
N GLN C 41 -23.14 3.57 -10.17
CA GLN C 41 -21.74 3.89 -9.94
C GLN C 41 -21.59 4.73 -8.68
N ALA C 42 -20.43 4.60 -8.06
CA ALA C 42 -20.02 5.51 -7.00
C ALA C 42 -19.57 6.83 -7.60
N PRO C 43 -19.75 7.90 -6.85
CA PRO C 43 -19.28 9.22 -7.30
C PRO C 43 -17.80 9.20 -7.66
N VAL C 44 -17.41 10.21 -8.43
CA VAL C 44 -16.03 10.43 -8.80
C VAL C 44 -15.73 11.91 -8.60
N LEU C 45 -14.72 12.19 -7.77
CA LEU C 45 -14.29 13.55 -7.52
C LEU C 45 -13.68 14.14 -8.79
N VAL C 46 -14.24 15.23 -9.30
CA VAL C 46 -13.73 15.82 -10.52
C VAL C 46 -13.04 17.15 -10.27
N ILE C 47 -13.39 17.87 -9.21
CA ILE C 47 -12.75 19.13 -8.91
C ILE C 47 -12.71 19.23 -7.40
N TYR C 48 -11.55 19.56 -6.84
CA TYR C 48 -11.43 19.64 -5.40
C TYR C 48 -10.67 20.90 -5.05
N TYR C 49 -11.08 21.54 -3.96
CA TYR C 49 -10.51 22.80 -3.52
C TYR C 49 -10.73 23.91 -4.54
N ASP C 50 -12.01 24.14 -4.84
CA ASP C 50 -12.46 25.18 -5.76
C ASP C 50 -12.02 24.89 -7.18
N SER C 51 -10.73 25.09 -7.46
CA SER C 51 -10.23 25.13 -8.82
C SER C 51 -9.38 23.92 -9.20
N ASP C 52 -8.67 23.33 -8.24
CA ASP C 52 -7.76 22.24 -8.53
C ASP C 52 -8.51 20.98 -8.99
N ARG C 53 -7.83 20.14 -9.78
CA ARG C 53 -8.43 19.00 -10.49
C ARG C 53 -7.69 17.71 -10.19
N PRO C 54 -8.39 16.63 -9.81
CA PRO C 54 -7.71 15.37 -9.49
C PRO C 54 -7.00 14.79 -10.71
N SER C 55 -5.91 14.06 -10.42
CA SER C 55 -5.22 13.28 -11.43
C SER C 55 -6.19 12.35 -12.16
N GLY C 56 -6.08 12.30 -13.49
CA GLY C 56 -6.92 11.45 -14.27
C GLY C 56 -8.25 12.06 -14.66
N ILE C 57 -8.47 13.33 -14.31
CA ILE C 57 -9.68 14.04 -14.69
C ILE C 57 -9.31 14.91 -15.88
N PRO C 58 -10.02 14.79 -17.01
CA PRO C 58 -9.72 15.61 -18.17
C PRO C 58 -9.81 17.10 -17.84
N GLU C 59 -8.91 17.87 -18.45
CA GLU C 59 -8.91 19.32 -18.25
C GLU C 59 -10.20 19.98 -18.75
N ARG C 60 -11.03 19.27 -19.52
CA ARG C 60 -12.32 19.86 -19.87
C ARG C 60 -13.19 20.08 -18.62
N PHE C 61 -12.92 19.36 -17.55
CA PHE C 61 -13.51 19.61 -16.23
C PHE C 61 -12.70 20.66 -15.48
N SER C 62 -13.40 21.71 -15.01
CA SER C 62 -12.77 22.79 -14.28
C SER C 62 -13.78 23.40 -13.32
N GLY C 63 -13.24 24.10 -12.32
CA GLY C 63 -14.07 24.71 -11.31
C GLY C 63 -13.59 26.10 -11.00
N SER C 64 -14.50 26.89 -10.47
CA SER C 64 -14.22 28.29 -10.14
C SER C 64 -15.10 28.67 -8.96
N LYS C 65 -14.87 29.87 -8.44
CA LYS C 65 -15.59 30.36 -7.28
C LYS C 65 -15.84 31.86 -7.44
N SER C 66 -17.05 32.29 -7.05
CA SER C 66 -17.53 33.65 -7.30
C SER C 66 -18.37 34.12 -6.10
N GLY C 67 -17.79 35.00 -5.28
CA GLY C 67 -18.46 35.46 -4.08
C GLY C 67 -18.88 34.30 -3.20
N ASN C 68 -20.14 34.30 -2.79
CA ASN C 68 -20.67 33.19 -1.99
C ASN C 68 -21.32 32.13 -2.88
N THR C 69 -20.61 31.72 -3.94
CA THR C 69 -21.15 30.80 -4.93
C THR C 69 -19.97 30.16 -5.66
N ALA C 70 -20.10 28.88 -6.00
CA ALA C 70 -19.06 28.25 -6.81
C ALA C 70 -19.71 27.62 -8.03
N THR C 71 -18.87 27.28 -9.00
CA THR C 71 -19.36 26.83 -10.31
C THR C 71 -18.36 25.89 -10.96
N LEU C 72 -18.85 24.73 -11.37
CA LEU C 72 -18.09 23.81 -12.18
C LEU C 72 -18.12 24.28 -13.63
N THR C 73 -17.20 23.79 -14.43
CA THR C 73 -17.14 24.20 -15.82
C THR C 73 -16.69 23.00 -16.64
N ILE C 74 -17.62 22.38 -17.36
CA ILE C 74 -17.31 21.19 -18.13
C ILE C 74 -17.24 21.57 -19.60
N SER C 75 -16.05 21.95 -20.03
CA SER C 75 -15.86 22.22 -21.44
C SER C 75 -15.83 20.92 -22.24
N GLY C 76 -15.94 21.08 -23.55
CA GLY C 76 -15.87 19.95 -24.45
C GLY C 76 -16.96 18.94 -24.18
N VAL C 77 -18.17 19.43 -23.90
CA VAL C 77 -19.27 18.56 -23.49
C VAL C 77 -19.40 17.38 -24.44
N GLU C 78 -19.39 16.17 -23.89
CA GLU C 78 -19.55 14.95 -24.65
C GLU C 78 -20.84 14.28 -24.23
N ALA C 79 -21.07 13.07 -24.77
CA ALA C 79 -22.28 12.34 -24.40
C ALA C 79 -22.06 11.52 -23.14
N GLY C 80 -20.82 11.07 -22.92
CA GLY C 80 -20.50 10.37 -21.70
C GLY C 80 -20.54 11.25 -20.48
N ASP C 81 -20.46 12.57 -20.66
CA ASP C 81 -20.46 13.48 -19.54
C ASP C 81 -21.81 13.55 -18.83
N GLU C 82 -22.77 12.71 -19.19
CA GLU C 82 -24.02 12.66 -18.47
C GLU C 82 -23.79 12.09 -17.07
N ALA C 83 -24.32 12.78 -16.06
CA ALA C 83 -24.28 12.27 -14.69
C ALA C 83 -25.03 13.25 -13.82
N ASP C 84 -25.11 12.92 -12.54
CA ASP C 84 -25.54 13.86 -11.54
C ASP C 84 -24.29 14.46 -10.89
N TYR C 85 -24.31 15.78 -10.64
CA TYR C 85 -23.12 16.52 -10.23
C TYR C 85 -23.34 17.12 -8.84
N TYR C 86 -22.45 16.76 -7.90
CA TYR C 86 -22.62 17.24 -6.55
C TYR C 86 -21.49 18.18 -6.16
N CYS C 87 -21.79 19.02 -5.20
CA CYS C 87 -20.82 19.88 -4.60
C CYS C 87 -20.81 19.64 -3.10
N GLN C 88 -19.64 19.70 -2.53
CA GLN C 88 -19.48 19.52 -1.11
C GLN C 88 -18.67 20.67 -0.54
N VAL C 89 -18.81 20.84 0.78
CA VAL C 89 -18.21 21.92 1.55
C VAL C 89 -18.03 21.40 2.96
N TRP C 90 -17.05 21.97 3.68
CA TRP C 90 -16.90 21.58 5.08
C TRP C 90 -17.79 22.38 6.03
N ASP C 91 -17.76 23.72 6.02
CA ASP C 91 -18.57 24.51 6.97
C ASP C 91 -18.17 24.24 8.41
N SER C 92 -17.28 25.11 8.92
CA SER C 92 -16.77 24.99 10.28
C SER C 92 -17.87 24.89 11.33
N SER C 93 -18.82 25.82 11.29
CA SER C 93 -19.98 25.78 12.17
C SER C 93 -20.88 24.62 11.80
N SER C 94 -21.20 23.79 12.80
CA SER C 94 -21.97 22.55 12.59
C SER C 94 -21.13 21.52 11.84
N ASP C 95 -20.09 21.04 12.54
CA ASP C 95 -19.02 20.25 11.94
C ASP C 95 -19.51 19.03 11.16
N HIS C 96 -20.27 19.25 10.09
CA HIS C 96 -20.65 18.18 9.17
C HIS C 96 -20.24 18.58 7.77
N TYR C 97 -20.17 17.58 6.88
CA TYR C 97 -19.79 17.80 5.50
C TYR C 97 -21.08 17.72 4.69
N ILE C 98 -21.44 18.84 4.05
CA ILE C 98 -22.68 18.91 3.31
C ILE C 98 -22.39 18.54 1.87
N PHE C 99 -23.19 17.64 1.33
CA PHE C 99 -23.16 17.36 -0.08
C PHE C 99 -24.31 18.11 -0.74
N GLY C 100 -24.05 18.62 -1.93
CA GLY C 100 -25.08 19.30 -2.66
C GLY C 100 -26.21 18.38 -3.06
N ALA C 101 -27.32 19.01 -3.44
CA ALA C 101 -28.55 18.29 -3.74
C ALA C 101 -28.42 17.45 -5.00
N GLY C 102 -27.72 17.97 -6.02
CA GLY C 102 -27.42 17.21 -7.22
C GLY C 102 -28.00 17.88 -8.46
N THR C 103 -27.23 17.96 -9.53
CA THR C 103 -27.65 18.60 -10.78
C THR C 103 -27.63 17.56 -11.89
N ARG C 104 -28.78 17.01 -12.22
CA ARG C 104 -28.85 15.93 -13.21
C ARG C 104 -28.39 16.42 -14.59
N LEU C 105 -27.83 15.52 -15.39
CA LEU C 105 -27.45 15.86 -16.76
C LEU C 105 -27.99 14.88 -17.80
N THR C 106 -27.14 14.51 -18.77
CA THR C 106 -27.47 13.85 -20.04
C THR C 106 -28.23 14.80 -20.96
N VAL C 107 -27.66 15.99 -21.16
CA VAL C 107 -28.21 16.99 -22.06
C VAL C 107 -29.57 17.41 -21.51
N GLY C 109 -30.95 18.07 -26.72
CA GLY C 109 -31.08 16.65 -26.99
C GLY C 109 -29.85 15.99 -27.58
N GLN C 110 -30.02 14.76 -28.05
CA GLN C 110 -28.96 13.98 -28.63
C GLN C 110 -29.57 13.03 -29.65
N PRO C 111 -28.74 12.36 -30.46
CA PRO C 111 -29.30 11.53 -31.55
C PRO C 111 -30.19 10.41 -31.06
N LYS C 112 -31.32 10.24 -31.74
CA LYS C 112 -32.25 9.18 -31.42
C LYS C 112 -31.75 7.85 -31.98
N ALA C 113 -32.24 6.75 -31.40
CA ALA C 113 -31.85 5.40 -31.77
C ALA C 113 -33.08 4.53 -31.99
N ALA C 114 -32.82 3.28 -32.35
CA ALA C 114 -33.86 2.30 -32.66
C ALA C 114 -33.95 1.25 -31.56
N PRO C 115 -35.13 1.05 -30.99
CA PRO C 115 -35.31 -0.01 -29.97
C PRO C 115 -35.03 -1.42 -30.50
N SER C 116 -34.59 -2.30 -29.57
CA SER C 116 -34.23 -3.70 -29.84
C SER C 116 -34.90 -4.64 -28.83
N VAL C 117 -35.51 -5.74 -29.32
CA VAL C 117 -36.33 -6.62 -28.47
C VAL C 117 -35.95 -8.09 -28.64
N THR C 118 -35.94 -8.83 -27.53
CA THR C 118 -35.68 -10.26 -27.50
C THR C 118 -36.61 -10.92 -26.48
N LEU C 119 -37.09 -12.11 -26.82
CA LEU C 119 -38.05 -12.81 -25.98
C LEU C 119 -37.62 -14.26 -25.85
N PHE C 120 -37.87 -14.84 -24.68
CA PHE C 120 -37.49 -16.21 -24.37
C PHE C 120 -38.67 -17.00 -23.84
N PRO C 121 -38.65 -18.31 -24.02
CA PRO C 121 -39.73 -19.16 -23.51
C PRO C 121 -39.35 -19.76 -22.16
N PRO C 122 -40.23 -20.54 -21.54
CA PRO C 122 -39.89 -21.20 -20.28
C PRO C 122 -38.81 -22.26 -20.47
N SER C 123 -38.33 -22.80 -19.35
CA SER C 123 -37.30 -23.82 -19.38
C SER C 123 -37.89 -25.17 -19.00
N SER C 124 -37.09 -26.22 -19.28
CA SER C 124 -37.55 -27.59 -19.03
C SER C 124 -37.75 -27.83 -17.53
N GLU C 125 -36.83 -27.34 -16.70
CA GLU C 125 -36.93 -27.55 -15.26
C GLU C 125 -38.04 -26.70 -14.65
N GLU C 126 -38.30 -25.52 -15.20
CA GLU C 126 -39.34 -24.65 -14.66
C GLU C 126 -40.72 -25.28 -14.86
N LEU C 127 -40.98 -25.81 -16.06
CA LEU C 127 -42.26 -26.47 -16.31
C LEU C 127 -42.35 -27.76 -15.52
N GLN C 128 -41.25 -28.49 -15.40
CA GLN C 128 -41.23 -29.69 -14.55
C GLN C 128 -41.49 -29.32 -13.08
N ALA C 129 -41.11 -28.10 -12.67
CA ALA C 129 -41.36 -27.61 -11.32
C ALA C 129 -42.71 -26.93 -11.20
N ASN C 130 -43.57 -27.06 -12.20
CA ASN C 130 -44.94 -26.53 -12.16
C ASN C 130 -44.95 -25.00 -12.05
N LYS C 131 -44.05 -24.34 -12.77
CA LYS C 131 -44.05 -22.89 -12.89
C LYS C 131 -43.71 -22.52 -14.34
N ALA C 132 -44.04 -21.29 -14.73
CA ALA C 132 -43.77 -20.80 -16.07
C ALA C 132 -43.66 -19.27 -16.08
N THR C 133 -42.70 -18.73 -16.84
CA THR C 133 -42.47 -17.29 -16.94
C THR C 133 -41.83 -16.96 -18.29
N LEU C 134 -42.37 -15.97 -19.00
CA LEU C 134 -41.80 -15.47 -20.25
C LEU C 134 -40.97 -14.24 -19.99
N VAL C 135 -39.78 -14.21 -20.58
CA VAL C 135 -38.85 -13.12 -20.33
C VAL C 135 -38.71 -12.33 -21.61
N CYS C 136 -39.28 -11.14 -21.64
CA CYS C 136 -39.17 -10.26 -22.79
C CYS C 136 -38.15 -9.18 -22.45
N LEU C 137 -37.10 -9.09 -23.27
CA LEU C 137 -35.93 -8.27 -22.98
C LEU C 137 -35.73 -7.22 -24.04
N ILE C 138 -35.66 -5.96 -23.60
CA ILE C 138 -35.45 -4.83 -24.50
C ILE C 138 -33.98 -4.43 -24.34
N SER C 139 -33.13 -4.98 -25.21
CA SER C 139 -31.69 -4.76 -25.13
C SER C 139 -31.28 -3.36 -25.56
N ASP C 140 -32.20 -2.54 -26.06
CA ASP C 140 -31.95 -1.12 -26.34
C ASP C 140 -33.20 -0.40 -26.80
N PHE C 141 -33.49 0.80 -26.28
CA PHE C 141 -34.72 1.46 -26.72
C PHE C 141 -34.65 2.96 -26.67
N TYR C 142 -33.48 3.53 -26.87
CA TYR C 142 -33.42 4.97 -26.74
C TYR C 142 -34.38 5.62 -27.73
N PRO C 143 -35.18 6.60 -27.31
CA PRO C 143 -35.21 7.13 -25.94
C PRO C 143 -35.75 6.17 -24.86
N LYS C 158 -54.10 -11.20 -21.18
CA LYS C 158 -52.85 -10.50 -20.88
C LYS C 158 -52.83 -9.90 -19.46
N ALA C 159 -52.68 -10.77 -18.44
CA ALA C 159 -52.52 -10.43 -17.03
C ALA C 159 -51.28 -11.13 -16.47
N GLY C 160 -51.05 -11.01 -15.16
CA GLY C 160 -49.86 -11.57 -14.55
C GLY C 160 -48.54 -11.12 -15.18
N VAL C 161 -48.40 -9.80 -15.33
CA VAL C 161 -47.27 -9.22 -16.06
C VAL C 161 -46.54 -8.26 -15.15
N GLU C 162 -45.21 -8.34 -15.16
CA GLU C 162 -44.34 -7.39 -14.47
C GLU C 162 -43.43 -6.72 -15.50
N THR C 163 -43.23 -5.41 -15.36
CA THR C 163 -42.36 -4.66 -16.26
C THR C 163 -41.51 -3.69 -15.46
N THR C 164 -40.24 -3.57 -15.87
CA THR C 164 -39.32 -2.69 -15.18
C THR C 164 -39.38 -1.27 -15.73
N THR C 165 -38.78 -0.38 -14.98
CA THR C 165 -38.71 1.02 -15.33
C THR C 165 -37.67 1.23 -16.43
N PRO C 166 -37.67 2.39 -17.08
CA PRO C 166 -36.59 2.69 -18.04
C PRO C 166 -35.27 2.90 -17.31
N SER C 167 -34.34 1.97 -17.46
CA SER C 167 -33.03 2.02 -16.80
C SER C 167 -31.96 2.27 -17.84
N LYS C 168 -31.10 3.26 -17.59
CA LYS C 168 -30.07 3.59 -18.58
C LYS C 168 -29.01 2.50 -18.66
N GLN C 169 -28.38 2.37 -19.83
CA GLN C 169 -27.32 1.39 -20.07
C GLN C 169 -25.97 2.07 -20.25
N SER C 170 -24.92 1.25 -20.17
CA SER C 170 -23.55 1.75 -20.32
C SER C 170 -23.29 2.34 -21.72
N ASN C 171 -24.05 1.93 -22.74
CA ASN C 171 -23.90 2.46 -24.09
C ASN C 171 -24.62 3.80 -24.30
N ASN C 172 -24.88 4.54 -23.22
CA ASN C 172 -25.64 5.79 -23.22
C ASN C 172 -27.08 5.63 -23.72
N LYS C 173 -27.61 4.42 -23.70
CA LYS C 173 -28.98 4.13 -24.10
C LYS C 173 -29.75 3.55 -22.90
N TYR C 174 -30.96 3.07 -23.15
CA TYR C 174 -31.87 2.66 -22.09
C TYR C 174 -32.29 1.21 -22.27
N ALA C 175 -32.69 0.57 -21.16
CA ALA C 175 -33.17 -0.80 -21.16
C ALA C 175 -34.31 -0.97 -20.16
N ALA C 176 -35.12 -2.01 -20.39
CA ALA C 176 -36.17 -2.43 -19.47
C ALA C 176 -36.57 -3.84 -19.86
N SER C 177 -37.07 -4.62 -18.90
CA SER C 177 -37.41 -6.01 -19.16
C SER C 177 -38.79 -6.31 -18.60
N SER C 178 -39.71 -6.69 -19.47
CA SER C 178 -41.05 -7.07 -19.05
C SER C 178 -41.13 -8.58 -18.93
N TYR C 179 -41.90 -9.02 -17.94
CA TYR C 179 -42.03 -10.42 -17.62
C TYR C 179 -43.49 -10.79 -17.63
N LEU C 180 -43.75 -12.05 -17.97
CA LEU C 180 -45.11 -12.60 -18.09
C LEU C 180 -45.14 -13.98 -17.44
N SER C 181 -45.81 -14.06 -16.27
CA SER C 181 -45.90 -15.29 -15.48
C SER C 181 -47.25 -15.97 -15.66
N LEU C 182 -47.23 -17.25 -16.00
CA LEU C 182 -48.45 -18.00 -16.28
C LEU C 182 -48.33 -19.41 -15.73
N THR C 183 -49.43 -20.17 -15.82
CA THR C 183 -49.37 -21.53 -15.33
C THR C 183 -48.92 -22.48 -16.43
N PRO C 184 -48.33 -23.62 -16.04
CA PRO C 184 -47.94 -24.61 -17.05
C PRO C 184 -49.12 -25.13 -17.86
N GLU C 185 -50.27 -25.31 -17.22
CA GLU C 185 -51.46 -25.73 -17.96
C GLU C 185 -51.92 -24.65 -18.93
N GLN C 186 -51.76 -23.37 -18.56
CA GLN C 186 -52.06 -22.30 -19.50
C GLN C 186 -51.14 -22.36 -20.71
N TRP C 187 -49.88 -22.75 -20.50
CA TRP C 187 -48.96 -22.84 -21.62
C TRP C 187 -49.34 -23.98 -22.55
N LYS C 188 -49.82 -25.08 -21.99
CA LYS C 188 -50.23 -26.21 -22.83
C LYS C 188 -51.57 -25.99 -23.53
N SER C 189 -52.23 -24.85 -23.36
CA SER C 189 -53.52 -24.58 -24.02
C SER C 189 -53.40 -24.37 -25.53
N SER C 194 -44.58 -13.45 -28.19
CA SER C 194 -45.87 -12.78 -28.12
C SER C 194 -45.79 -11.52 -27.27
N CYS C 195 -44.78 -10.69 -27.49
CA CYS C 195 -44.48 -9.59 -26.57
C CYS C 195 -45.22 -8.32 -26.99
N GLN C 196 -46.08 -7.79 -26.09
CA GLN C 196 -46.91 -6.60 -26.34
C GLN C 196 -46.10 -5.33 -26.08
N VAL C 197 -45.29 -4.98 -27.06
CA VAL C 197 -44.49 -3.76 -27.05
C VAL C 197 -45.32 -2.51 -27.32
N SER C 202 -41.15 1.87 -34.06
CA SER C 202 -42.16 0.90 -34.46
C SER C 202 -42.61 0.05 -33.25
N THR C 203 -43.05 -1.18 -33.51
CA THR C 203 -43.49 -2.09 -32.45
C THR C 203 -43.19 -3.52 -32.90
N VAL C 204 -42.07 -4.06 -32.46
CA VAL C 204 -41.70 -5.42 -32.85
C VAL C 204 -42.24 -6.39 -31.81
N GLU C 205 -42.22 -7.67 -32.17
CA GLU C 205 -42.87 -8.69 -31.36
C GLU C 205 -42.26 -10.04 -31.70
N LYS C 206 -42.41 -10.97 -30.78
CA LYS C 206 -42.01 -12.36 -30.97
C LYS C 206 -43.24 -13.24 -30.82
N THR C 207 -43.01 -14.55 -30.85
CA THR C 207 -44.06 -15.53 -30.67
C THR C 207 -43.50 -16.71 -29.88
N VAL C 208 -44.37 -17.33 -29.10
CA VAL C 208 -44.01 -18.43 -28.21
C VAL C 208 -44.79 -19.68 -28.63
N ALA C 209 -44.06 -20.79 -28.81
CA ALA C 209 -44.61 -22.09 -29.22
C ALA C 209 -43.90 -23.21 -28.46
N PRO C 210 -44.64 -24.15 -27.84
CA PRO C 210 -44.09 -25.27 -27.08
C PRO C 210 -43.11 -26.15 -27.87
N VAL D 33 35.59 -2.91 26.96
CA VAL D 33 34.66 -4.00 26.57
C VAL D 33 33.85 -3.69 25.30
N THR D 34 33.94 -4.57 24.31
CA THR D 34 33.36 -4.30 23.00
C THR D 34 32.31 -5.33 22.62
N GLN D 35 31.61 -5.04 21.52
CA GLN D 35 30.71 -6.02 20.94
C GLN D 35 31.42 -7.33 20.69
N GLU D 36 32.63 -7.26 20.11
CA GLU D 36 33.36 -8.49 19.83
C GLU D 36 33.48 -9.35 21.08
N ASP D 37 33.84 -8.72 22.19
CA ASP D 37 33.97 -9.47 23.44
C ASP D 37 32.67 -10.16 23.83
N ILE D 38 31.52 -9.49 23.65
CA ILE D 38 30.24 -10.09 23.99
C ILE D 38 29.95 -11.28 23.11
N ILE D 39 30.03 -11.06 21.80
CA ILE D 39 29.76 -12.10 20.82
C ILE D 39 30.56 -13.36 21.15
N ARG D 40 31.89 -13.23 21.19
CA ARG D 40 32.70 -14.40 21.46
C ARG D 40 32.29 -15.06 22.76
N ALA D 41 31.97 -14.24 23.77
CA ALA D 41 31.52 -14.79 25.05
C ALA D 41 30.33 -15.73 24.86
N LEU D 42 29.22 -15.22 24.32
CA LEU D 42 28.00 -15.97 24.09
C LEU D 42 28.18 -17.09 23.09
N ALA D 43 29.15 -17.01 22.20
CA ALA D 43 29.30 -18.17 21.33
C ALA D 43 30.04 -19.31 22.02
N SER D 44 30.96 -18.99 22.94
CA SER D 44 31.74 -20.04 23.62
C SER D 44 30.92 -21.22 24.08
N PRO D 45 29.80 -21.06 24.78
CA PRO D 45 28.99 -22.25 25.09
C PRO D 45 28.50 -22.93 23.83
N LEU D 46 28.15 -22.17 22.80
CA LEU D 46 27.64 -22.81 21.59
C LEU D 46 28.70 -23.69 20.96
N ILE D 47 29.96 -23.20 20.86
CA ILE D 47 31.05 -23.99 20.29
C ILE D 47 31.43 -25.16 21.21
N LYS D 48 31.47 -24.95 22.53
CA LYS D 48 31.77 -26.08 23.42
C LYS D 48 30.75 -27.18 23.25
N ASP D 49 29.52 -26.82 22.94
CA ASP D 49 28.47 -27.81 22.73
C ASP D 49 28.44 -28.37 21.30
N GLY D 50 29.36 -27.96 20.44
CA GLY D 50 29.44 -28.58 19.13
C GLY D 50 28.30 -28.20 18.19
N MET D 51 27.58 -27.14 18.49
CA MET D 51 26.50 -26.75 17.59
C MET D 51 26.96 -25.81 16.50
N VAL D 52 28.05 -25.09 16.74
CA VAL D 52 28.70 -24.24 15.75
C VAL D 52 30.20 -24.49 15.83
N ASP D 53 30.90 -24.16 14.75
CA ASP D 53 32.34 -24.37 14.70
C ASP D 53 33.06 -23.25 15.45
N GLU D 54 34.38 -23.40 15.57
CA GLU D 54 35.12 -22.56 16.50
C GLU D 54 35.30 -21.17 15.93
N ASP D 55 35.38 -21.06 14.61
CA ASP D 55 35.34 -19.76 13.97
C ASP D 55 33.94 -19.13 13.98
N PHE D 56 32.94 -19.73 14.65
CA PHE D 56 31.58 -19.19 14.57
C PHE D 56 31.54 -17.75 15.02
N ALA D 57 32.17 -17.43 16.17
CA ALA D 57 32.15 -16.06 16.66
C ALA D 57 32.67 -15.11 15.60
N GLU D 58 33.69 -15.53 14.85
CA GLU D 58 34.26 -14.63 13.86
C GLU D 58 33.31 -14.46 12.67
N TYR D 59 32.60 -15.52 12.24
CA TYR D 59 31.54 -15.32 11.26
C TYR D 59 30.46 -14.39 11.79
N VAL D 60 30.12 -14.51 13.08
CA VAL D 60 29.13 -13.62 13.65
C VAL D 60 29.61 -12.18 13.61
N ILE D 61 30.84 -11.95 14.05
CA ILE D 61 31.32 -10.57 14.11
C ILE D 61 31.22 -9.91 12.75
N ALA D 62 31.58 -10.64 11.69
CA ALA D 62 31.49 -10.05 10.36
C ALA D 62 30.07 -9.60 10.05
N ARG D 63 29.05 -10.44 10.36
CA ARG D 63 27.73 -10.06 9.94
C ARG D 63 27.23 -8.86 10.74
N GLU D 64 27.64 -8.76 12.00
CA GLU D 64 27.35 -7.62 12.87
C GLU D 64 27.97 -6.32 12.35
N ASP D 65 29.17 -6.36 11.74
CA ASP D 65 29.77 -5.14 11.22
C ASP D 65 29.13 -4.70 9.90
N ARG D 66 28.67 -5.65 9.07
CA ARG D 66 28.02 -5.36 7.79
C ARG D 66 26.53 -5.09 7.91
N SER D 67 25.82 -5.80 8.80
CA SER D 67 24.37 -5.68 8.99
C SER D 67 24.03 -5.56 10.48
N PRO D 68 24.41 -4.45 11.12
CA PRO D 68 24.21 -4.27 12.57
C PRO D 68 22.79 -4.58 13.04
N THR D 69 22.67 -4.88 14.34
CA THR D 69 21.43 -5.41 14.92
C THR D 69 20.99 -4.66 16.19
N GLY D 70 21.24 -3.34 16.27
CA GLY D 70 20.80 -2.58 17.44
C GLY D 70 19.38 -2.05 17.42
N LEU D 71 18.57 -2.45 18.39
CA LEU D 71 17.20 -1.96 18.53
C LEU D 71 17.06 -1.19 19.85
N GLN D 72 16.14 -0.22 19.91
CA GLN D 72 15.77 0.43 21.17
C GLN D 72 14.43 -0.09 21.63
N ALA D 73 14.32 -0.33 22.93
CA ALA D 73 13.08 -0.83 23.47
C ALA D 73 12.76 -0.04 24.73
N LYS D 74 11.68 -0.42 25.39
CA LYS D 74 11.30 0.17 26.66
C LYS D 74 12.50 0.19 27.59
N GLY D 75 13.17 1.34 27.68
CA GLY D 75 14.15 1.57 28.73
C GLY D 75 15.44 0.81 28.63
N VAL D 76 15.50 -0.27 27.86
CA VAL D 76 16.72 -1.01 27.55
C VAL D 76 16.89 -1.09 26.04
N GLY D 77 18.13 -1.31 25.63
CA GLY D 77 18.47 -1.50 24.23
C GLY D 77 18.77 -2.97 24.01
N VAL D 78 18.46 -3.46 22.83
CA VAL D 78 18.60 -4.88 22.56
C VAL D 78 19.53 -5.07 21.38
N ALA D 79 20.21 -6.21 21.31
CA ALA D 79 20.82 -6.59 20.04
C ALA D 79 20.51 -8.05 19.74
N ILE D 80 20.59 -8.39 18.46
CA ILE D 80 20.35 -9.77 18.01
C ILE D 80 21.44 -10.28 17.06
N PRO D 81 22.70 -10.36 17.51
CA PRO D 81 23.77 -10.86 16.62
C PRO D 81 23.45 -12.27 16.12
N HIS D 82 23.37 -12.42 14.81
CA HIS D 82 23.03 -13.70 14.22
C HIS D 82 23.92 -13.99 13.03
N THR D 83 24.14 -15.27 12.78
CA THR D 83 24.81 -15.60 11.55
C THR D 83 24.19 -16.87 10.98
N LEU D 84 24.44 -17.09 9.69
CA LEU D 84 23.84 -18.20 8.95
C LEU D 84 24.94 -18.92 8.17
N GLY D 85 24.77 -20.23 7.98
CA GLY D 85 25.64 -20.95 7.08
C GLY D 85 25.89 -22.40 7.50
N ASP D 86 26.97 -22.97 6.93
CA ASP D 86 27.33 -24.36 7.20
C ASP D 86 28.04 -24.52 8.53
N TYR D 87 28.83 -23.53 8.96
CA TYR D 87 29.44 -23.50 10.29
C TYR D 87 28.42 -23.57 11.40
N VAL D 88 27.15 -23.32 11.09
CA VAL D 88 26.06 -23.72 11.96
C VAL D 88 25.64 -25.11 11.53
N ARG D 89 25.63 -26.02 12.50
CA ARG D 89 25.22 -27.39 12.31
C ARG D 89 23.88 -27.65 12.95
N ASP D 90 23.48 -26.81 13.89
CA ASP D 90 22.20 -26.92 14.59
C ASP D 90 21.81 -25.56 15.16
N ASN D 91 20.52 -25.23 15.04
CA ASN D 91 20.03 -23.92 15.42
C ASN D 91 19.94 -23.77 16.92
N ALA D 92 20.25 -22.57 17.42
CA ALA D 92 20.33 -22.37 18.86
C ALA D 92 20.22 -20.90 19.21
N ILE D 93 20.12 -20.63 20.51
CA ILE D 93 20.00 -19.27 21.04
C ILE D 93 20.83 -19.15 22.30
N SER D 94 21.66 -18.11 22.35
CA SER D 94 22.49 -17.77 23.49
C SER D 94 22.11 -16.36 23.92
N VAL D 95 21.85 -16.16 25.21
CA VAL D 95 21.33 -14.89 25.74
C VAL D 95 22.35 -14.30 26.71
N GLY D 96 22.68 -13.03 26.51
CA GLY D 96 23.52 -12.37 27.47
C GLY D 96 22.85 -11.15 28.05
N ILE D 97 23.03 -10.93 29.34
CA ILE D 97 22.47 -9.77 30.02
C ILE D 97 23.63 -8.96 30.53
N LEU D 98 23.75 -7.74 30.05
CA LEU D 98 24.89 -6.94 30.42
C LEU D 98 24.58 -6.12 31.66
N ASP D 99 25.64 -5.86 32.44
CA ASP D 99 25.48 -5.10 33.67
C ASP D 99 25.27 -3.64 33.38
N LYS D 100 25.98 -3.12 32.40
CA LYS D 100 26.04 -1.73 32.03
C LYS D 100 26.00 -1.65 30.52
N PRO D 101 25.28 -0.69 29.95
CA PRO D 101 25.05 -0.67 28.49
C PRO D 101 26.33 -0.70 27.67
N VAL D 102 26.29 -1.39 26.53
CA VAL D 102 27.37 -1.39 25.53
C VAL D 102 26.77 -0.93 24.20
N ASN D 103 27.44 0.04 23.55
CA ASN D 103 26.93 0.54 22.29
C ASN D 103 27.12 -0.53 21.18
N PHE D 104 26.01 -0.86 20.52
CA PHE D 104 25.97 -1.63 19.27
C PHE D 104 25.47 -0.68 18.19
N GLU D 105 25.72 -0.99 16.92
CA GLU D 105 25.32 -0.06 15.88
C GLU D 105 23.85 -0.30 15.55
N GLY D 106 23.16 0.76 15.12
CA GLY D 106 21.71 0.67 14.99
C GLY D 106 21.27 -0.33 13.94
N TRP D 107 20.27 -1.13 14.30
CA TRP D 107 19.61 -2.00 13.30
C TRP D 107 19.18 -1.18 12.11
N TYR D 108 18.43 -0.14 12.36
CA TYR D 108 18.09 0.86 11.37
C TYR D 108 19.21 1.89 11.33
N GLN D 109 19.70 2.17 10.12
CA GLN D 109 20.83 3.07 9.98
C GLN D 109 20.53 4.38 10.67
N SER D 110 21.52 4.89 11.39
CA SER D 110 21.36 6.12 12.14
C SER D 110 22.73 6.60 12.54
N PRO D 111 22.92 7.91 12.69
CA PRO D 111 24.19 8.41 13.22
C PRO D 111 24.48 7.88 14.61
N ASP D 112 23.50 7.94 15.50
CA ASP D 112 23.77 7.52 16.86
C ASP D 112 23.86 5.99 16.94
N PRO D 113 24.61 5.48 17.91
CA PRO D 113 24.57 4.05 18.20
C PRO D 113 23.44 3.79 19.19
N VAL D 114 23.26 2.52 19.53
CA VAL D 114 22.17 2.00 20.35
C VAL D 114 22.78 1.39 21.60
N PRO D 115 22.71 2.06 22.76
CA PRO D 115 23.19 1.42 24.01
C PRO D 115 22.40 0.15 24.31
N VAL D 116 23.08 -1.01 24.27
CA VAL D 116 22.47 -2.34 24.38
C VAL D 116 22.84 -2.96 25.73
N ARG D 117 21.83 -3.47 26.48
CA ARG D 117 22.07 -4.31 27.66
C ARG D 117 21.45 -5.70 27.60
N VAL D 118 20.78 -6.08 26.51
CA VAL D 118 20.20 -7.43 26.34
C VAL D 118 20.57 -7.95 24.97
N VAL D 119 21.33 -9.05 24.92
CA VAL D 119 21.86 -9.56 23.67
C VAL D 119 21.28 -10.93 23.39
N PHE D 120 20.81 -11.14 22.17
CA PHE D 120 20.22 -12.41 21.79
C PHE D 120 21.05 -12.99 20.64
N MET D 121 21.99 -13.89 20.93
CA MET D 121 22.78 -14.49 19.87
C MET D 121 22.01 -15.61 19.20
N LEU D 122 21.88 -15.54 17.87
CA LEU D 122 21.24 -16.60 17.10
C LEU D 122 22.23 -17.37 16.25
N ALA D 123 21.94 -18.66 16.06
CA ALA D 123 22.56 -19.43 14.99
C ALA D 123 21.50 -20.21 14.23
N GLY D 124 21.61 -20.23 12.89
CA GLY D 124 20.69 -20.98 12.08
C GLY D 124 21.35 -21.51 10.83
N ARG D 125 20.88 -22.66 10.35
CA ARG D 125 21.47 -23.22 9.14
C ARG D 125 21.01 -22.48 7.90
N THR D 126 19.76 -22.04 7.90
CA THR D 126 19.11 -21.43 6.76
C THR D 126 18.51 -20.10 7.17
N TRP D 127 18.21 -19.27 6.18
CA TRP D 127 17.54 -18.00 6.44
C TRP D 127 16.09 -18.21 6.87
N ASP D 128 15.45 -19.29 6.41
CA ASP D 128 14.16 -19.67 6.96
C ASP D 128 14.26 -19.97 8.44
N ASP D 129 15.31 -20.65 8.86
CA ASP D 129 15.48 -20.93 10.28
C ASP D 129 15.76 -19.68 11.10
N ILE D 130 16.15 -18.60 10.47
CA ILE D 130 16.57 -17.44 11.23
C ILE D 130 15.38 -16.53 11.38
N VAL D 131 14.51 -16.57 10.36
CA VAL D 131 13.36 -15.66 10.33
C VAL D 131 12.30 -16.08 11.35
N ILE D 132 12.08 -17.39 11.53
CA ILE D 132 11.17 -17.87 12.56
C ILE D 132 11.58 -17.35 13.94
N VAL D 133 12.82 -17.57 14.34
CA VAL D 133 13.21 -17.10 15.68
C VAL D 133 13.13 -15.59 15.74
N LEU D 134 13.44 -14.91 14.64
CA LEU D 134 13.45 -13.45 14.66
C LEU D 134 12.04 -12.93 14.87
N LYS D 135 11.04 -13.68 14.43
CA LYS D 135 9.63 -13.29 14.59
C LYS D 135 9.17 -13.52 16.02
N TRP D 136 9.64 -14.61 16.64
CA TRP D 136 9.34 -14.87 18.02
C TRP D 136 9.96 -13.83 18.96
N LEU D 137 11.24 -13.52 18.73
CA LEU D 137 11.94 -12.51 19.53
C LEU D 137 11.22 -11.17 19.51
N LYS D 138 10.80 -10.72 18.31
CA LYS D 138 9.98 -9.52 18.21
C LYS D 138 8.89 -9.50 19.28
N ASP D 139 8.05 -10.55 19.31
CA ASP D 139 7.05 -10.67 20.37
C ASP D 139 7.67 -10.61 21.75
N VAL D 140 8.86 -11.21 21.92
CA VAL D 140 9.52 -11.19 23.21
C VAL D 140 9.87 -9.76 23.63
N ILE D 141 10.55 -8.99 22.77
CA ILE D 141 10.99 -7.65 23.17
C ILE D 141 9.83 -6.68 23.37
N LEU D 142 8.72 -6.85 22.64
CA LEU D 142 7.48 -6.11 22.88
C LEU D 142 6.83 -6.40 24.24
N ASP D 143 7.19 -7.51 24.91
CA ASP D 143 6.68 -7.83 26.24
C ASP D 143 7.58 -7.16 27.26
N GLU D 144 7.28 -5.90 27.56
CA GLU D 144 8.06 -5.11 28.53
C GLU D 144 8.16 -5.79 29.89
N GLU D 145 7.08 -6.40 30.36
CA GLU D 145 7.17 -7.10 31.65
C GLU D 145 8.28 -8.13 31.61
N PHE D 146 8.15 -9.10 30.71
CA PHE D 146 9.24 -10.04 30.47
C PHE D 146 10.57 -9.32 30.30
N MET D 147 10.62 -8.23 29.51
CA MET D 147 11.91 -7.58 29.31
C MET D 147 12.45 -6.96 30.61
N LYS D 148 11.58 -6.35 31.42
CA LYS D 148 12.03 -5.73 32.68
C LYS D 148 12.61 -6.78 33.63
N ARG D 149 11.90 -7.92 33.79
CA ARG D 149 12.36 -9.05 34.59
C ARG D 149 13.76 -9.49 34.16
N LEU D 150 14.04 -9.48 32.86
CA LEU D 150 15.33 -9.95 32.38
C LEU D 150 16.48 -9.15 32.97
N LEU D 151 16.25 -7.90 33.30
CA LEU D 151 17.29 -7.04 33.84
C LEU D 151 17.53 -7.23 35.32
N THR D 152 16.72 -8.06 35.99
CA THR D 152 16.73 -8.20 37.44
C THR D 152 16.57 -9.66 37.87
N MET D 153 16.89 -10.59 36.98
CA MET D 153 16.70 -12.02 37.19
C MET D 153 18.02 -12.76 37.01
N SER D 154 18.13 -13.88 37.72
CA SER D 154 19.32 -14.72 37.77
C SER D 154 19.45 -15.57 36.52
N ASP D 155 20.64 -16.15 36.33
CA ASP D 155 20.87 -16.99 35.18
C ASP D 155 19.90 -18.17 35.13
N GLU D 156 19.47 -18.68 36.29
CA GLU D 156 18.58 -19.84 36.28
C GLU D 156 17.15 -19.43 35.97
N GLU D 157 16.67 -18.35 36.59
CA GLU D 157 15.29 -17.88 36.33
C GLU D 157 15.10 -17.56 34.85
N ILE D 158 16.07 -16.85 34.25
CA ILE D 158 16.01 -16.52 32.84
C ILE D 158 15.96 -17.76 31.96
N TYR D 159 16.75 -18.79 32.32
CA TYR D 159 16.66 -20.06 31.61
C TYR D 159 15.24 -20.63 31.65
N ARG D 160 14.64 -20.72 32.83
CA ARG D 160 13.37 -21.41 32.94
C ARG D 160 12.28 -20.66 32.21
N GLN D 161 12.22 -19.34 32.41
CA GLN D 161 11.23 -18.54 31.69
C GLN D 161 11.35 -18.77 30.18
N ILE D 162 12.54 -18.57 29.61
CA ILE D 162 12.67 -18.70 28.16
C ILE D 162 12.34 -20.12 27.71
N TYR D 163 12.85 -21.12 28.43
CA TYR D 163 12.58 -22.50 28.05
C TYR D 163 11.09 -22.82 28.04
N THR D 164 10.32 -22.16 28.91
CA THR D 164 8.88 -22.32 28.84
C THR D 164 8.31 -21.72 27.56
N ARG D 165 8.64 -20.46 27.25
CA ARG D 165 8.02 -19.84 26.08
C ARG D 165 8.38 -20.58 24.80
N ILE D 166 9.57 -21.19 24.77
CA ILE D 166 9.98 -21.91 23.56
C ILE D 166 9.24 -23.22 23.43
N SER D 167 9.04 -23.89 24.56
CA SER D 167 8.26 -25.13 24.56
C SER D 167 6.82 -24.86 24.15
N LYS D 168 6.26 -23.72 24.58
CA LYS D 168 4.92 -23.32 24.13
C LYS D 168 4.82 -23.20 22.62
N ALA D 169 5.84 -22.67 21.97
CA ALA D 169 5.77 -22.41 20.52
C ALA D 169 5.81 -23.69 19.71
N PRO D 170 4.80 -23.98 18.86
CA PRO D 170 4.91 -25.16 17.98
C PRO D 170 6.03 -25.03 16.95
N GLN D 171 6.12 -23.88 16.28
CA GLN D 171 7.38 -23.51 15.65
C GLN D 171 8.44 -23.40 16.74
N LEU D 172 9.66 -23.00 16.37
CA LEU D 172 10.75 -22.92 17.33
C LEU D 172 11.17 -24.28 17.84
N SER D 173 10.54 -25.36 17.40
CA SER D 173 11.02 -26.66 17.81
C SER D 173 12.25 -27.02 17.00
N GLY D 174 13.21 -27.65 17.67
CA GLY D 174 14.50 -27.90 17.08
C GLY D 174 15.55 -26.88 17.43
N ILE D 175 15.14 -25.72 17.96
CA ILE D 175 16.10 -24.77 18.54
C ILE D 175 16.75 -25.40 19.76
N ASN D 176 18.00 -25.01 20.03
CA ASN D 176 18.73 -25.49 21.20
C ASN D 176 18.91 -24.36 22.19
N PHE D 177 18.61 -24.62 23.45
CA PHE D 177 18.78 -23.60 24.46
C PHE D 177 19.05 -24.26 25.81
N LYS D 178 20.12 -23.83 26.51
CA LYS D 178 20.51 -24.51 27.73
C LYS D 178 20.76 -23.49 28.84
N ARG D 179 20.96 -23.97 30.08
CA ARG D 179 21.35 -23.03 31.13
C ARG D 179 22.71 -22.43 30.84
N GLU D 180 23.57 -23.19 30.16
CA GLU D 180 24.85 -22.70 29.69
C GLU D 180 24.72 -21.62 28.63
N TYR D 181 23.52 -21.36 28.09
CA TYR D 181 23.35 -20.34 27.06
C TYR D 181 22.72 -19.08 27.60
N VAL D 182 22.70 -18.90 28.92
CA VAL D 182 22.32 -17.64 29.54
C VAL D 182 23.50 -17.22 30.37
N ARG D 183 23.88 -15.95 30.27
CA ARG D 183 25.05 -15.45 30.97
C ARG D 183 24.81 -14.02 31.42
N HIS D 184 25.51 -13.62 32.47
CA HIS D 184 25.49 -12.22 32.87
C HIS D 184 26.80 -11.51 32.64
N LEU D 185 27.26 -11.43 31.39
CA LEU D 185 28.44 -10.61 31.07
C LEU D 185 28.35 -9.26 31.72
N GLY D 186 29.49 -8.74 32.13
CA GLY D 186 29.54 -7.53 32.91
C GLY D 186 30.73 -6.70 32.52
N THR D 187 30.48 -5.44 32.25
CA THR D 187 31.56 -4.48 32.07
C THR D 187 32.13 -4.01 33.40
N LYS D 188 31.56 -4.47 34.52
CA LYS D 188 32.01 -4.10 35.86
C LYS D 188 32.33 -5.35 36.67
N VAL E 4 34.54 -3.20 -3.46
CA VAL E 4 34.10 -4.53 -3.84
C VAL E 4 34.27 -4.76 -5.31
N GLN E 5 35.03 -5.79 -5.65
CA GLN E 5 35.23 -6.12 -7.04
C GLN E 5 34.84 -7.55 -7.29
N LEU E 6 34.18 -7.75 -8.42
CA LEU E 6 33.70 -9.04 -8.86
C LEU E 6 34.31 -9.35 -10.20
N GLN E 7 34.83 -10.56 -10.37
CA GLN E 7 35.40 -11.02 -11.63
C GLN E 7 34.83 -12.38 -11.97
N GLU E 8 34.14 -12.48 -13.12
CA GLU E 8 33.58 -13.74 -13.59
C GLU E 8 34.66 -14.56 -14.32
N SER E 9 34.41 -15.87 -14.46
CA SER E 9 35.35 -16.77 -15.15
C SER E 9 34.68 -17.93 -15.89
N LEU E 13 32.47 -19.89 -24.38
CA LEU E 13 31.91 -20.74 -25.42
C LEU E 13 31.65 -22.15 -24.93
N VAL E 14 30.40 -22.59 -25.03
CA VAL E 14 30.03 -23.94 -24.67
C VAL E 14 29.18 -24.50 -25.80
N LYS E 15 28.95 -25.80 -25.75
CA LYS E 15 28.15 -26.50 -26.73
C LYS E 15 26.75 -26.74 -26.19
N PRO E 16 25.77 -26.99 -27.07
CA PRO E 16 24.46 -27.44 -26.59
C PRO E 16 24.57 -28.73 -25.79
N SER E 17 23.69 -28.84 -24.78
CA SER E 17 23.62 -29.98 -23.87
C SER E 17 24.92 -30.22 -23.11
N GLU E 18 25.66 -29.15 -22.84
CA GLU E 18 26.90 -29.21 -22.07
C GLU E 18 26.76 -28.39 -20.80
N THR E 19 27.32 -28.92 -19.70
CA THR E 19 27.29 -28.20 -18.44
C THR E 19 28.07 -26.92 -18.56
N LEU E 20 27.50 -25.84 -18.07
CA LEU E 20 28.15 -24.54 -18.08
C LEU E 20 28.41 -24.14 -16.63
N SER E 21 29.68 -24.22 -16.25
CA SER E 21 30.14 -23.90 -14.89
C SER E 21 30.89 -22.57 -14.96
N LEU E 22 30.28 -21.53 -14.44
CA LEU E 22 30.92 -20.23 -14.27
C LEU E 22 31.18 -19.98 -12.79
N THR E 23 32.13 -19.11 -12.52
CA THR E 23 32.57 -18.83 -11.16
C THR E 23 32.92 -17.35 -11.06
N CYS E 24 32.47 -16.69 -10.02
CA CYS E 24 32.83 -15.31 -9.79
C CYS E 24 33.63 -15.20 -8.49
N ALA E 25 34.63 -14.34 -8.51
CA ALA E 25 35.45 -14.04 -7.36
C ALA E 25 34.97 -12.75 -6.73
N VAL E 26 35.43 -12.50 -5.50
CA VAL E 26 35.02 -11.33 -4.76
C VAL E 26 36.23 -10.77 -4.05
N SER E 27 36.41 -9.45 -4.13
CA SER E 27 37.58 -8.87 -3.51
C SER E 27 37.20 -7.61 -2.75
N GLY E 28 36.05 -7.61 -2.10
CA GLY E 28 35.75 -6.47 -1.25
C GLY E 28 35.28 -6.94 0.10
N GLY E 29 35.95 -7.94 0.66
CA GLY E 29 35.47 -8.51 1.89
C GLY E 29 34.16 -9.26 1.68
N SER E 30 33.37 -9.32 2.74
CA SER E 30 32.03 -9.97 2.77
C SER E 30 32.19 -11.41 2.29
N PHE E 31 31.28 -11.90 1.44
CA PHE E 31 31.17 -13.29 1.01
C PHE E 31 30.84 -14.23 2.17
N SER E 32 30.62 -13.71 3.35
CA SER E 32 30.10 -14.50 4.45
C SER E 32 28.91 -13.81 5.08
N SER E 33 28.62 -12.58 4.64
CA SER E 33 27.54 -11.77 5.17
C SER E 33 26.74 -11.13 4.05
N ASP E 34 27.00 -11.49 2.80
CA ASP E 34 26.31 -10.91 1.67
C ASP E 34 25.79 -12.02 0.77
N TRP E 35 24.65 -11.73 0.13
CA TRP E 35 24.03 -12.62 -0.83
C TRP E 35 24.60 -12.33 -2.21
N TRP E 36 25.11 -13.35 -2.89
CA TRP E 36 25.66 -13.19 -4.23
C TRP E 36 24.80 -13.95 -5.22
N GLY E 37 24.69 -13.42 -6.44
CA GLY E 37 23.82 -14.04 -7.42
C GLY E 37 24.26 -13.80 -8.85
N TRP E 38 23.52 -14.42 -9.76
CA TRP E 38 23.84 -14.37 -11.19
C TRP E 38 22.65 -13.86 -11.98
N ILE E 39 22.95 -12.95 -12.92
CA ILE E 39 21.95 -12.36 -13.80
C ILE E 39 22.50 -12.37 -15.23
N ARG E 40 21.67 -12.79 -16.18
CA ARG E 40 21.99 -12.92 -17.59
C ARG E 40 21.12 -12.01 -18.44
N GLN E 41 21.70 -11.50 -19.52
CA GLN E 41 21.01 -10.66 -20.50
C GLN E 41 21.13 -11.27 -21.89
N PRO E 42 20.05 -11.81 -22.47
CA PRO E 42 20.11 -12.30 -23.85
C PRO E 42 20.52 -11.22 -24.79
N PRO E 43 21.21 -11.56 -25.93
CA PRO E 43 21.74 -10.51 -26.81
C PRO E 43 20.67 -9.54 -27.29
N GLY E 44 20.81 -8.28 -26.87
CA GLY E 44 19.86 -7.24 -27.22
C GLY E 44 18.49 -7.41 -26.62
N LYS E 45 18.41 -7.90 -25.38
CA LYS E 45 17.14 -8.20 -24.74
C LYS E 45 17.16 -7.69 -23.30
N GLY E 46 16.16 -8.08 -22.50
CA GLY E 46 16.11 -7.68 -21.12
C GLY E 46 17.07 -8.47 -20.24
N LEU E 47 17.00 -8.20 -18.95
CA LEU E 47 17.80 -8.91 -17.96
C LEU E 47 16.97 -10.00 -17.31
N GLU E 48 17.65 -11.04 -16.83
CA GLU E 48 16.94 -12.16 -16.19
C GLU E 48 17.72 -12.61 -14.98
N TRP E 49 17.03 -12.68 -13.85
CA TRP E 49 17.63 -13.13 -12.60
C TRP E 49 17.61 -14.64 -12.55
N ILE E 50 18.80 -15.22 -12.49
CA ILE E 50 18.90 -16.67 -12.32
C ILE E 50 18.60 -17.05 -10.87
N GLY E 51 19.42 -16.57 -9.95
CA GLY E 51 19.25 -16.88 -8.56
C GLY E 51 20.44 -16.38 -7.78
N THR E 52 20.38 -16.45 -6.45
CA THR E 52 21.50 -16.00 -5.64
C THR E 52 21.69 -16.96 -4.46
N ILE E 53 22.88 -16.90 -3.87
CA ILE E 53 23.24 -17.79 -2.78
C ILE E 53 24.00 -17.01 -1.71
N TYR E 54 23.68 -17.30 -0.45
CA TYR E 54 24.34 -16.66 0.67
C TYR E 54 25.80 -17.08 0.73
N GLY E 55 26.66 -16.12 1.10
CA GLY E 55 28.10 -16.35 0.98
C GLY E 55 28.57 -17.57 1.76
N SER E 56 28.07 -17.73 2.98
CA SER E 56 28.48 -18.87 3.79
C SER E 56 27.72 -20.15 3.46
N GLY E 57 26.70 -20.07 2.61
CA GLY E 57 26.18 -21.26 1.95
C GLY E 57 25.01 -22.04 2.55
N GLY E 58 24.07 -21.39 3.23
CA GLY E 58 23.00 -22.15 3.87
C GLY E 58 21.68 -22.20 3.15
N SER E 59 21.29 -21.08 2.53
CA SER E 59 20.05 -20.97 1.78
C SER E 59 20.37 -20.58 0.34
N ASN E 60 19.57 -21.14 -0.57
CA ASN E 60 19.60 -20.79 -2.00
C ASN E 60 18.22 -20.29 -2.40
N TYR E 61 18.19 -19.40 -3.39
CA TYR E 61 16.91 -18.93 -3.97
C TYR E 61 17.08 -18.83 -5.47
N LEU E 62 16.22 -19.51 -6.23
CA LEU E 62 16.36 -19.59 -7.69
C LEU E 62 15.02 -19.39 -8.38
N ASN E 63 15.08 -19.03 -9.64
CA ASN E 63 13.88 -18.74 -10.40
C ASN E 63 13.07 -20.01 -10.53
N PRO E 64 11.82 -20.05 -10.05
CA PRO E 64 11.06 -21.30 -10.21
C PRO E 64 10.96 -21.74 -11.64
N SER E 65 10.89 -20.79 -12.59
CA SER E 65 10.81 -21.18 -14.00
C SER E 65 12.09 -21.83 -14.47
N LEU E 66 13.25 -21.36 -13.98
CA LEU E 66 14.53 -21.96 -14.34
C LEU E 66 14.94 -23.09 -13.40
N LYS E 67 14.06 -23.49 -12.49
CA LYS E 67 14.39 -24.55 -11.55
C LYS E 67 14.70 -25.85 -12.29
N SER E 68 15.55 -26.68 -11.67
CA SER E 68 15.91 -28.03 -12.06
C SER E 68 16.94 -28.05 -13.19
N ARG E 69 17.38 -26.91 -13.68
CA ARG E 69 18.42 -26.93 -14.70
C ARG E 69 19.66 -26.15 -14.28
N VAL E 70 19.77 -25.78 -13.00
CA VAL E 70 20.86 -24.92 -12.54
C VAL E 70 21.17 -25.25 -11.09
N THR E 71 22.44 -25.13 -10.72
CA THR E 71 22.84 -25.28 -9.35
C THR E 71 23.86 -24.21 -9.00
N LEU E 72 23.88 -23.85 -7.73
CA LEU E 72 24.76 -22.82 -7.20
C LEU E 72 25.62 -23.43 -6.10
N SER E 73 26.91 -23.15 -6.14
CA SER E 73 27.84 -23.60 -5.13
C SER E 73 28.68 -22.41 -4.68
N VAL E 74 29.17 -22.48 -3.44
CA VAL E 74 30.05 -21.46 -2.94
C VAL E 74 31.32 -22.07 -2.41
N ASP E 75 32.29 -21.20 -2.25
CA ASP E 75 33.52 -21.53 -1.59
C ASP E 75 33.81 -20.31 -0.74
N THR E 76 33.35 -20.36 0.51
CA THR E 76 33.60 -19.25 1.43
C THR E 76 35.08 -19.06 1.67
N SER E 77 35.88 -20.13 1.53
CA SER E 77 37.31 -20.01 1.78
C SER E 77 37.98 -19.12 0.73
N LYS E 78 37.56 -19.24 -0.53
CA LYS E 78 38.18 -18.51 -1.63
C LYS E 78 37.36 -17.33 -2.11
N ASN E 79 36.30 -16.94 -1.39
CA ASN E 79 35.49 -15.80 -1.82
C ASN E 79 35.08 -15.99 -3.27
N GLN E 80 34.68 -17.20 -3.59
CA GLN E 80 34.33 -17.54 -4.96
C GLN E 80 33.05 -18.33 -4.95
N PHE E 81 32.04 -17.78 -5.59
CA PHE E 81 30.82 -18.49 -5.83
C PHE E 81 30.73 -18.86 -7.31
N SER E 82 29.96 -19.91 -7.59
CA SER E 82 29.93 -20.52 -8.91
C SER E 82 28.52 -20.97 -9.24
N LEU E 83 28.25 -21.04 -10.52
CA LEU E 83 27.01 -21.58 -11.03
C LEU E 83 27.29 -22.85 -11.81
N ARG E 84 26.22 -23.42 -12.33
CA ARG E 84 26.32 -24.60 -13.16
C ARG E 84 24.99 -24.75 -13.88
N LEU E 85 25.06 -25.04 -15.18
CA LEU E 85 23.84 -25.22 -15.96
C LEU E 85 24.12 -26.19 -17.11
N SER E 86 23.28 -27.22 -17.20
CA SER E 86 23.30 -28.24 -18.25
C SER E 86 21.99 -28.17 -19.05
N SER E 87 21.90 -29.01 -20.08
CA SER E 87 20.78 -29.00 -21.03
C SER E 87 20.64 -27.63 -21.69
N VAL E 88 21.78 -26.99 -21.94
CA VAL E 88 21.80 -25.62 -22.43
C VAL E 88 21.41 -25.58 -23.91
N THR E 89 20.78 -24.48 -24.31
CA THR E 89 20.33 -24.26 -25.69
C THR E 89 20.88 -22.92 -26.17
N ALA E 90 20.63 -22.60 -27.44
CA ALA E 90 21.01 -21.28 -27.94
C ALA E 90 20.08 -20.20 -27.41
N ALA E 91 18.88 -20.56 -26.92
CA ALA E 91 18.05 -19.58 -26.22
C ALA E 91 18.78 -19.04 -24.99
N ASP E 92 19.46 -19.92 -24.25
CA ASP E 92 20.21 -19.55 -23.06
C ASP E 92 21.48 -18.77 -23.38
N THR E 93 21.88 -18.70 -24.65
CA THR E 93 23.05 -17.92 -25.02
C THR E 93 22.84 -16.46 -24.63
N ALA E 94 23.74 -15.94 -23.79
CA ALA E 94 23.56 -14.62 -23.19
C ALA E 94 24.87 -14.20 -22.52
N VAL E 95 24.91 -12.94 -22.11
CA VAL E 95 25.95 -12.43 -21.22
C VAL E 95 25.51 -12.71 -19.79
N TYR E 96 26.45 -13.12 -18.95
CA TYR E 96 26.16 -13.55 -17.59
C TYR E 96 26.95 -12.70 -16.61
N TYR E 97 26.25 -12.10 -15.64
CA TYR E 97 26.83 -11.20 -14.67
C TYR E 97 26.77 -11.81 -13.27
N CYS E 98 27.79 -11.56 -12.47
CA CYS E 98 27.73 -11.91 -11.05
C CYS E 98 27.56 -10.61 -10.27
N ALA E 99 26.62 -10.61 -9.34
CA ALA E 99 26.30 -9.41 -8.61
C ALA E 99 26.20 -9.72 -7.13
N ARG E 100 26.36 -8.67 -6.35
CA ARG E 100 26.11 -8.75 -4.92
C ARG E 100 24.62 -8.51 -4.72
N GLY E 101 24.17 -8.52 -3.46
CA GLY E 101 22.78 -8.28 -3.16
C GLY E 101 22.61 -7.17 -2.16
N SER E 102 21.37 -6.71 -2.02
CA SER E 102 21.01 -5.72 -1.01
C SER E 102 19.68 -6.12 -0.37
N GLY E 103 19.59 -5.93 0.95
CA GLY E 103 18.35 -6.20 1.67
C GLY E 103 18.00 -5.12 2.67
N ARG E 104 16.72 -5.07 3.07
CA ARG E 104 16.21 -4.27 4.20
C ARG E 104 15.23 -5.12 4.99
N TYR E 105 15.75 -5.90 5.92
CA TYR E 105 14.93 -6.64 6.87
C TYR E 105 14.29 -5.63 7.84
N ASN E 106 12.96 -5.45 7.81
CA ASN E 106 12.32 -4.58 8.81
C ASN E 106 11.59 -5.53 9.75
N ILE E 107 12.25 -5.80 10.87
CA ILE E 107 11.53 -6.17 12.06
C ILE E 107 10.60 -4.99 12.37
N TRP E 108 9.62 -5.24 13.22
CA TRP E 108 8.51 -4.32 13.47
C TRP E 108 7.53 -4.22 12.29
N THR E 109 7.93 -4.76 11.14
CA THR E 109 7.23 -4.65 9.85
C THR E 109 7.16 -6.03 9.22
N GLY E 110 8.00 -6.95 9.71
CA GLY E 110 8.00 -8.32 9.23
C GLY E 110 8.65 -8.53 7.88
N TYR E 111 9.22 -7.49 7.26
CA TYR E 111 9.87 -7.65 5.94
C TYR E 111 11.19 -8.40 6.13
N TYR E 112 11.27 -9.60 5.57
CA TYR E 112 12.42 -10.46 5.73
C TYR E 112 12.87 -11.02 4.39
N THR E 113 12.75 -10.24 3.33
CA THR E 113 13.22 -10.72 2.04
C THR E 113 14.74 -10.66 2.01
N PRO E 114 15.41 -11.77 1.77
CA PRO E 114 16.86 -11.81 2.01
C PRO E 114 17.67 -10.84 1.17
N PHE E 115 17.30 -10.66 -0.09
CA PHE E 115 18.00 -9.73 -0.95
C PHE E 115 16.96 -9.10 -1.86
N ASP E 116 17.11 -7.81 -2.15
CA ASP E 116 16.06 -7.10 -2.85
C ASP E 116 16.64 -6.46 -4.12
N ALA E 117 17.93 -6.13 -4.09
CA ALA E 117 18.61 -5.49 -5.23
C ALA E 117 20.02 -6.06 -5.38
N PHE E 118 20.74 -5.57 -6.39
CA PHE E 118 22.11 -5.98 -6.69
C PHE E 118 23.00 -4.74 -6.70
N ASP E 119 23.96 -4.73 -5.76
CA ASP E 119 24.77 -3.55 -5.49
C ASP E 119 26.00 -3.48 -6.38
N PHE E 120 26.83 -4.50 -6.36
CA PHE E 120 28.06 -4.45 -7.12
C PHE E 120 27.96 -5.49 -8.21
N TRP E 121 27.51 -5.05 -9.38
CA TRP E 121 27.56 -5.92 -10.52
C TRP E 121 28.99 -6.23 -10.89
N GLY E 122 29.14 -7.31 -11.65
CA GLY E 122 30.45 -7.70 -12.08
C GLY E 122 30.85 -6.88 -13.28
N ARG E 123 31.42 -7.54 -14.27
CA ARG E 123 31.84 -6.91 -15.50
C ARG E 123 31.15 -7.45 -16.74
N GLY E 124 30.51 -8.63 -16.67
CA GLY E 124 29.89 -9.29 -17.81
C GLY E 124 30.78 -10.30 -18.52
N LEU E 125 30.31 -11.54 -18.72
CA LEU E 125 31.07 -12.59 -19.41
C LEU E 125 30.20 -13.15 -20.53
N ARG E 126 30.69 -13.06 -21.77
CA ARG E 126 29.91 -13.46 -22.94
C ARG E 126 29.92 -14.98 -23.08
N VAL E 127 28.77 -15.53 -23.41
CA VAL E 127 28.62 -16.98 -23.49
C VAL E 127 28.05 -17.31 -24.86
N THR E 128 28.62 -18.35 -25.47
CA THR E 128 28.12 -18.83 -26.75
C THR E 128 27.78 -20.30 -26.60
N VAL E 129 26.62 -20.68 -27.12
CA VAL E 129 26.14 -22.05 -27.12
C VAL E 129 25.98 -22.46 -28.57
N SER E 130 27.01 -23.11 -29.12
CA SER E 130 27.03 -23.53 -30.50
C SER E 130 27.76 -24.86 -30.63
N SER E 131 27.33 -25.66 -31.59
CA SER E 131 27.96 -26.92 -31.94
C SER E 131 28.96 -26.77 -33.08
N ALA E 132 29.19 -25.56 -33.56
CA ALA E 132 30.14 -25.32 -34.64
C ALA E 132 31.55 -25.18 -34.07
N SER E 133 32.44 -24.64 -34.87
CA SER E 133 33.86 -24.61 -34.56
C SER E 133 34.38 -23.18 -34.63
N THR E 134 35.25 -22.83 -33.69
CA THR E 134 35.88 -21.52 -33.69
C THR E 134 36.75 -21.36 -34.93
N LYS E 135 37.16 -20.12 -35.21
CA LYS E 135 37.98 -19.82 -36.38
C LYS E 135 38.93 -18.68 -36.08
N GLY E 136 39.92 -18.49 -36.95
CA GLY E 136 40.86 -17.40 -36.85
C GLY E 136 41.03 -16.67 -38.17
N PRO E 137 41.61 -15.45 -38.14
CA PRO E 137 41.80 -14.62 -39.34
C PRO E 137 42.60 -15.28 -40.44
N TYR F 2 3.15 -12.47 -13.35
CA TYR F 2 3.39 -11.06 -13.05
C TYR F 2 4.56 -10.49 -13.82
N GLU F 3 4.36 -9.26 -14.28
CA GLU F 3 5.39 -8.55 -15.01
C GLU F 3 5.19 -7.05 -14.85
N LEU F 4 6.29 -6.33 -15.00
CA LEU F 4 6.35 -4.88 -14.94
C LEU F 4 6.17 -4.28 -16.33
N THR F 5 6.12 -2.95 -16.40
CA THR F 5 5.80 -2.23 -17.64
C THR F 5 6.51 -0.87 -17.66
N GLN F 6 7.45 -0.68 -18.59
CA GLN F 6 8.07 0.63 -18.75
C GLN F 6 8.11 1.03 -20.22
N PRO F 7 8.10 2.32 -20.53
CA PRO F 7 8.08 2.74 -21.93
C PRO F 7 9.28 2.14 -22.65
N PRO F 8 9.07 1.71 -23.89
CA PRO F 8 10.19 1.19 -24.68
C PRO F 8 11.31 2.21 -24.84
N SER F 9 10.97 3.47 -25.09
CA SER F 9 11.95 4.53 -25.29
C SER F 9 11.40 5.87 -24.81
N MET F 10 12.27 6.87 -24.80
CA MET F 10 11.94 8.24 -24.42
C MET F 10 13.06 9.16 -24.84
N SER F 11 12.72 10.42 -25.16
CA SER F 11 13.71 11.42 -25.50
C SER F 11 13.46 12.71 -24.73
N VAL F 12 14.54 13.41 -24.42
CA VAL F 12 14.45 14.64 -23.65
C VAL F 12 15.59 15.55 -24.05
N SER F 13 15.35 16.85 -23.95
CA SER F 13 16.34 17.83 -24.30
C SER F 13 17.37 17.98 -23.18
N PRO F 14 18.58 18.43 -23.52
CA PRO F 14 19.60 18.67 -22.49
C PRO F 14 19.15 19.76 -21.52
N GLY F 15 19.61 19.63 -20.28
CA GLY F 15 19.21 20.55 -19.22
C GLY F 15 17.87 20.18 -18.63
N GLN F 16 16.99 19.63 -19.47
CA GLN F 16 15.69 19.20 -19.00
C GLN F 16 15.84 18.01 -18.05
N THR F 17 14.74 17.66 -17.40
CA THR F 17 14.73 16.57 -16.45
C THR F 17 13.96 15.40 -17.04
N ALA F 18 14.62 14.26 -17.14
CA ALA F 18 13.99 13.07 -17.67
C ALA F 18 13.11 12.42 -16.61
N ARG F 19 12.04 11.75 -17.06
CA ARG F 19 11.15 11.01 -16.17
C ARG F 19 10.83 9.67 -16.83
N ILE F 20 11.47 8.60 -16.36
CA ILE F 20 11.23 7.23 -16.83
C ILE F 20 10.32 6.53 -15.82
N THR F 21 9.21 5.95 -16.30
CA THR F 21 8.18 5.40 -15.43
C THR F 21 8.12 3.87 -15.52
N CYS F 22 7.70 3.23 -14.41
CA CYS F 22 7.52 1.79 -14.30
C CYS F 22 6.23 1.53 -13.53
N GLY F 23 5.48 0.52 -13.94
CA GLY F 23 4.19 0.24 -13.32
C GLY F 23 3.94 -1.26 -13.18
N GLY F 24 3.19 -1.60 -12.14
CA GLY F 24 2.90 -2.99 -11.84
C GLY F 24 1.84 -3.10 -10.77
N ASP F 25 1.59 -4.34 -10.32
CA ASP F 25 0.55 -4.62 -9.35
C ASP F 25 1.08 -4.43 -7.93
N ASN F 26 0.36 -3.64 -7.13
CA ASN F 26 0.71 -3.38 -5.73
C ASN F 26 2.16 -2.90 -5.61
N LEU F 27 2.51 -1.94 -6.45
CA LEU F 27 3.86 -1.41 -6.46
C LEU F 27 4.17 -0.59 -5.21
N GLY F 28 3.14 -0.04 -4.54
CA GLY F 28 3.37 0.60 -3.26
C GLY F 28 3.94 -0.33 -2.21
N SER F 29 3.49 -1.58 -2.19
CA SER F 29 3.94 -2.55 -1.20
C SER F 29 5.28 -3.20 -1.56
N LYS F 30 5.69 -3.14 -2.82
CA LYS F 30 6.89 -3.83 -3.27
C LYS F 30 8.02 -2.84 -3.49
N TYR F 31 9.19 -3.15 -2.95
CA TYR F 31 10.36 -2.32 -3.19
C TYR F 31 10.86 -2.48 -4.61
N VAL F 32 11.02 -1.35 -5.28
CA VAL F 32 11.39 -1.28 -6.69
C VAL F 32 12.72 -0.55 -6.84
N HIS F 33 13.62 -1.07 -7.68
CA HIS F 33 14.97 -0.53 -7.79
C HIS F 33 15.32 -0.21 -9.24
N TRP F 34 16.19 0.78 -9.43
CA TRP F 34 16.51 1.31 -10.74
C TRP F 34 17.96 1.03 -11.15
N TYR F 35 18.10 0.49 -12.35
CA TYR F 35 19.38 0.19 -12.95
C TYR F 35 19.56 0.98 -14.26
N GLN F 36 20.82 1.31 -14.54
CA GLN F 36 21.24 2.01 -15.75
C GLN F 36 22.35 1.20 -16.41
N GLN F 37 22.17 0.89 -17.70
CA GLN F 37 23.18 0.17 -18.49
C GLN F 37 23.49 1.05 -19.70
N LYS F 38 24.64 1.72 -19.66
CA LYS F 38 25.13 2.36 -20.86
C LYS F 38 25.49 1.32 -21.90
N PRO F 39 25.34 1.64 -23.18
CA PRO F 39 25.73 0.68 -24.22
C PRO F 39 27.15 0.19 -24.02
N ALA F 40 27.34 -1.12 -24.22
CA ALA F 40 28.63 -1.78 -24.07
C ALA F 40 29.16 -1.67 -22.63
N GLN F 41 28.25 -1.75 -21.66
CA GLN F 41 28.61 -1.70 -20.25
C GLN F 41 27.71 -2.67 -19.49
N ALA F 42 28.08 -2.96 -18.19
CA ALA F 42 27.35 -3.81 -17.26
C ALA F 42 26.35 -2.98 -16.47
N PRO F 43 25.23 -3.56 -16.00
CA PRO F 43 24.22 -2.75 -15.29
C PRO F 43 24.80 -2.13 -14.03
N VAL F 44 24.40 -0.89 -13.76
CA VAL F 44 24.83 -0.16 -12.58
C VAL F 44 23.60 0.41 -11.89
N LEU F 45 23.48 0.12 -10.59
CA LEU F 45 22.29 0.54 -9.86
C LEU F 45 22.40 2.01 -9.47
N VAL F 46 21.33 2.76 -9.72
CA VAL F 46 21.32 4.21 -9.56
C VAL F 46 20.37 4.63 -8.44
N ILE F 47 19.30 3.87 -8.21
CA ILE F 47 18.31 4.16 -7.17
C ILE F 47 17.86 2.84 -6.55
N TYR F 48 17.84 2.76 -5.22
CA TYR F 48 17.32 1.57 -4.55
C TYR F 48 16.38 1.96 -3.41
N TYR F 49 15.43 1.07 -3.14
CA TYR F 49 14.41 1.26 -2.09
C TYR F 49 13.64 2.54 -2.31
N ASP F 50 13.36 2.84 -3.57
CA ASP F 50 12.29 3.73 -3.99
C ASP F 50 12.70 5.20 -3.89
N SER F 51 13.72 5.49 -3.11
CA SER F 51 14.07 6.90 -2.97
C SER F 51 15.48 7.09 -2.43
N ASP F 52 16.21 6.00 -2.16
CA ASP F 52 17.54 6.03 -1.59
C ASP F 52 18.57 5.90 -2.71
N ARG F 53 19.70 6.61 -2.56
CA ARG F 53 20.73 6.77 -3.58
C ARG F 53 22.04 6.15 -3.14
N PRO F 54 22.60 5.20 -3.89
CA PRO F 54 23.82 4.53 -3.46
C PRO F 54 24.99 5.50 -3.44
N SER F 55 26.06 5.05 -2.79
CA SER F 55 27.23 5.88 -2.71
C SER F 55 27.85 6.06 -4.09
N GLY F 56 28.09 7.33 -4.46
CA GLY F 56 28.66 7.69 -5.73
C GLY F 56 27.66 8.18 -6.75
N ILE F 57 26.41 7.70 -6.69
CA ILE F 57 25.41 8.14 -7.65
C ILE F 57 25.13 9.63 -7.42
N PRO F 58 25.17 10.47 -8.46
CA PRO F 58 24.95 11.91 -8.26
C PRO F 58 23.53 12.21 -7.78
N GLU F 59 23.42 13.33 -7.06
CA GLU F 59 22.16 13.70 -6.42
C GLU F 59 21.07 14.05 -7.44
N ARG F 60 21.44 14.44 -8.67
CA ARG F 60 20.42 14.75 -9.68
C ARG F 60 19.62 13.53 -10.08
N PHE F 61 20.19 12.34 -9.87
CA PHE F 61 19.48 11.08 -9.97
C PHE F 61 18.62 10.90 -8.71
N SER F 62 17.31 10.97 -8.85
CA SER F 62 16.39 10.76 -7.74
C SER F 62 15.27 9.84 -8.20
N GLY F 63 14.56 9.25 -7.23
CA GLY F 63 13.48 8.34 -7.51
C GLY F 63 12.25 8.63 -6.69
N SER F 64 11.10 8.14 -7.18
CA SER F 64 9.81 8.41 -6.53
C SER F 64 8.82 7.29 -6.86
N LYS F 65 7.77 7.19 -6.05
CA LYS F 65 6.69 6.24 -6.27
C LYS F 65 5.34 6.92 -6.04
N SER F 66 4.32 6.53 -6.81
CA SER F 66 2.96 7.02 -6.63
C SER F 66 1.98 5.89 -6.89
N GLY F 67 1.28 5.44 -5.85
CA GLY F 67 0.36 4.33 -5.98
C GLY F 67 1.01 3.09 -6.55
N ASN F 68 0.71 2.76 -7.81
CA ASN F 68 1.26 1.58 -8.47
C ASN F 68 2.18 1.96 -9.63
N THR F 69 2.89 3.09 -9.48
CA THR F 69 3.70 3.65 -10.57
C THR F 69 4.93 4.32 -9.98
N ALA F 70 6.11 3.85 -10.37
CA ALA F 70 7.35 4.48 -9.97
C ALA F 70 7.88 5.35 -11.13
N THR F 71 8.85 6.23 -10.81
CA THR F 71 9.42 7.20 -11.76
C THR F 71 10.86 7.54 -11.37
N LEU F 72 11.76 7.52 -12.36
CA LEU F 72 13.17 7.87 -12.17
C LEU F 72 13.45 9.25 -12.75
N THR F 73 14.03 10.14 -11.94
CA THR F 73 14.18 11.55 -12.27
C THR F 73 15.64 11.89 -12.44
N ILE F 74 16.01 12.32 -13.63
CA ILE F 74 17.38 12.73 -13.90
C ILE F 74 17.35 14.21 -14.22
N SER F 75 18.04 14.98 -13.41
CA SER F 75 18.05 16.42 -13.52
C SER F 75 19.14 16.85 -14.48
N GLY F 76 18.80 17.78 -15.37
CA GLY F 76 19.73 18.28 -16.36
C GLY F 76 20.36 17.14 -17.11
N VAL F 77 19.57 16.50 -17.96
CA VAL F 77 20.01 15.27 -18.62
C VAL F 77 21.13 15.60 -19.60
N GLU F 78 22.28 14.97 -19.40
CA GLU F 78 23.42 15.10 -20.31
C GLU F 78 23.33 14.06 -21.43
N ALA F 79 24.10 14.29 -22.48
CA ALA F 79 24.14 13.36 -23.61
C ALA F 79 24.72 12.02 -23.19
N GLY F 80 25.76 12.03 -22.34
CA GLY F 80 26.33 10.77 -21.86
C GLY F 80 25.37 9.93 -21.07
N ASP F 81 24.28 10.52 -20.57
CA ASP F 81 23.28 9.76 -19.79
C ASP F 81 22.45 8.83 -20.65
N GLU F 82 22.57 8.89 -21.97
CA GLU F 82 21.83 7.97 -22.82
C GLU F 82 22.20 6.53 -22.44
N ALA F 83 21.23 5.79 -21.89
CA ALA F 83 21.43 4.38 -21.57
C ALA F 83 20.07 3.70 -21.47
N ASP F 84 20.10 2.41 -21.13
CA ASP F 84 18.89 1.64 -20.85
C ASP F 84 18.66 1.61 -19.34
N TYR F 85 17.47 2.03 -18.92
CA TYR F 85 17.09 2.09 -17.52
C TYR F 85 16.06 1.02 -17.22
N TYR F 86 16.36 0.18 -16.22
CA TYR F 86 15.52 -0.97 -15.87
C TYR F 86 14.98 -0.84 -14.44
N CYS F 87 13.88 -1.55 -14.16
CA CYS F 87 13.25 -1.56 -12.83
C CYS F 87 13.10 -2.98 -12.31
N GLN F 88 13.17 -3.13 -10.98
CA GLN F 88 13.15 -4.46 -10.39
C GLN F 88 12.25 -4.49 -9.16
N VAL F 89 11.64 -5.63 -8.92
CA VAL F 89 10.72 -5.84 -7.81
C VAL F 89 10.87 -7.28 -7.35
N TRP F 90 10.72 -7.53 -6.04
CA TRP F 90 10.87 -8.92 -5.60
C TRP F 90 9.67 -9.77 -6.00
N ASP F 91 8.46 -9.25 -5.81
CA ASP F 91 7.22 -9.99 -6.06
C ASP F 91 7.19 -11.33 -5.33
N SER F 92 6.57 -11.35 -4.15
CA SER F 92 6.45 -12.55 -3.33
C SER F 92 5.90 -13.72 -4.14
N SER F 93 4.86 -13.42 -4.90
CA SER F 93 4.22 -14.36 -5.81
C SER F 93 5.18 -14.83 -6.90
N SER F 94 5.33 -16.15 -7.00
CA SER F 94 6.27 -16.83 -7.90
C SER F 94 7.70 -16.68 -7.38
N ASP F 95 7.86 -15.82 -6.37
CA ASP F 95 9.13 -15.63 -5.68
C ASP F 95 10.31 -15.60 -6.64
N HIS F 96 10.16 -14.91 -7.76
CA HIS F 96 11.29 -14.71 -8.65
C HIS F 96 11.38 -13.22 -8.94
N TYR F 97 12.60 -12.72 -9.01
CA TYR F 97 12.85 -11.31 -9.20
C TYR F 97 12.70 -10.97 -10.68
N ILE F 98 11.95 -9.91 -10.96
CA ILE F 98 11.59 -9.54 -12.31
C ILE F 98 12.18 -8.18 -12.65
N PHE F 99 12.86 -8.10 -13.79
CA PHE F 99 13.34 -6.86 -14.36
C PHE F 99 12.45 -6.41 -15.51
N GLY F 100 12.49 -5.12 -15.81
CA GLY F 100 11.70 -4.57 -16.89
C GLY F 100 12.28 -4.83 -18.27
N ALA F 101 11.48 -4.43 -19.27
CA ALA F 101 11.92 -4.50 -20.65
C ALA F 101 13.10 -3.57 -20.91
N GLY F 102 12.99 -2.31 -20.49
CA GLY F 102 14.11 -1.38 -20.65
C GLY F 102 13.54 -0.14 -21.30
N THR F 103 13.95 1.01 -20.80
CA THR F 103 13.55 2.27 -21.42
C THR F 103 14.78 2.93 -22.02
N ARG F 104 14.69 3.22 -23.32
CA ARG F 104 15.79 3.81 -24.04
C ARG F 104 15.67 5.34 -23.96
N LEU F 105 16.76 5.98 -23.52
CA LEU F 105 16.85 7.43 -23.38
C LEU F 105 17.81 7.98 -24.43
N THR F 106 17.34 8.96 -25.20
CA THR F 106 18.13 9.63 -26.23
C THR F 106 18.00 11.14 -26.03
N VAL F 107 19.08 11.77 -25.63
CA VAL F 107 19.11 13.22 -25.48
C VAL F 107 19.31 13.85 -26.86
N LEU F 108 18.60 14.94 -27.12
CA LEU F 108 18.72 15.62 -28.40
C LEU F 108 18.35 17.09 -28.23
#